data_6EF5
#
_entry.id   6EF5
#
_cell.length_a   94.691
_cell.length_b   94.691
_cell.length_c   234.430
_cell.angle_alpha   90.000
_cell.angle_beta   90.000
_cell.angle_gamma   120.000
#
_symmetry.space_group_name_H-M   'P 65'
#
loop_
_entity.id
_entity.type
_entity.pdbx_description
1 polymer '14-3-3 protein zeta/delta'
2 polymer ARG-SER-LEU-SEP-ALA-PRO-GLY
3 polymer LYS-LEU-SEP-LEU-GLN
4 water water
#
loop_
_entity_poly.entity_id
_entity_poly.type
_entity_poly.pdbx_seq_one_letter_code
_entity_poly.pdbx_strand_id
1 'polypeptide(L)'
;GSHMDKNELVQKAKLAEQAERYDDMAACMKSVTEQGAELSNEERNLLSVAYKNVVGARRSSWRVVSSIEQKTEGAEKKQQ
MAREYREKIETELRDICNDVLSLLEKFLIPNASQAESKVFYLKMKGDYYRYLAEVAAGDDKKGIVDQSQQAYQEAFEISK
KEMQPTHPIRLGLALNFSVFYYEILNSPEKACSLAKTAFDEAIAELDTLSEESYKDSTLIMQLLRDNLTLWTSDTQGDEA
EAGEGGEN
;
A,B,C,D
2 'polypeptide(L)' RSL(SEP)APG S,Q
3 'polypeptide(L)' KL(SEP)LQ R,P
#
# COMPACT_ATOMS: atom_id res chain seq x y z
N SER A 2 10.47 -17.04 21.38
CA SER A 2 9.26 -17.93 21.42
C SER A 2 8.26 -17.46 20.37
N HIS A 3 7.89 -16.19 20.46
CA HIS A 3 6.90 -15.61 19.55
C HIS A 3 7.46 -15.01 18.26
N MET A 4 8.74 -14.62 18.26
CA MET A 4 9.36 -14.00 17.06
C MET A 4 10.86 -14.07 17.13
N ASP A 5 11.55 -13.69 16.05
CA ASP A 5 13.00 -13.82 15.94
C ASP A 5 13.77 -12.49 15.72
N LYS A 6 14.33 -11.91 16.76
CA LYS A 6 15.01 -10.60 16.65
C LYS A 6 16.29 -10.64 15.86
N ASN A 7 17.10 -11.67 16.05
CA ASN A 7 18.36 -11.74 15.29
C ASN A 7 18.09 -11.82 13.81
N GLU A 8 17.04 -12.49 13.36
CA GLU A 8 16.75 -12.52 11.92
C GLU A 8 16.19 -11.19 11.37
N LEU A 9 15.50 -10.42 12.22
CA LEU A 9 15.03 -9.09 11.86
C LEU A 9 16.21 -8.21 11.60
N VAL A 10 17.19 -8.25 12.50
CA VAL A 10 18.45 -7.48 12.35
C VAL A 10 19.16 -7.82 11.03
N GLN A 11 19.44 -9.11 10.78
CA GLN A 11 20.02 -9.51 9.50
C GLN A 11 19.24 -8.91 8.33
N LYS A 12 17.92 -9.00 8.40
CA LYS A 12 17.03 -8.46 7.35
C LYS A 12 17.13 -6.88 7.20
N ALA A 13 17.28 -6.16 8.31
CA ALA A 13 17.62 -4.73 8.30
C ALA A 13 18.93 -4.38 7.59
N LYS A 14 19.93 -5.24 7.78
CA LYS A 14 21.29 -5.05 7.17
C LYS A 14 21.21 -5.34 5.71
N LEU A 15 20.41 -6.33 5.38
CA LEU A 15 20.20 -6.67 3.98
C LEU A 15 19.35 -5.65 3.27
N ALA A 16 18.29 -5.18 3.93
CA ALA A 16 17.48 -4.02 3.42
C ALA A 16 18.41 -2.85 3.20
N GLU A 17 19.35 -2.62 4.12
CA GLU A 17 20.27 -1.47 3.99
C GLU A 17 21.11 -1.54 2.76
N GLN A 18 21.79 -2.69 2.59
CA GLN A 18 22.64 -2.91 1.43
C GLN A 18 21.84 -2.77 0.17
N ALA A 19 20.65 -3.35 0.13
CA ALA A 19 19.76 -3.20 -1.02
C ALA A 19 19.22 -1.76 -1.26
N GLU A 20 19.50 -0.84 -0.33
CA GLU A 20 19.06 0.52 -0.38
C GLU A 20 17.55 0.63 -0.35
N ARG A 21 16.94 -0.11 0.58
CA ARG A 21 15.49 -0.21 0.77
C ARG A 21 15.14 0.17 2.20
N TYR A 22 14.93 1.47 2.39
CA TYR A 22 15.03 2.05 3.73
C TYR A 22 13.77 1.89 4.47
N ASP A 23 12.64 1.81 3.74
CA ASP A 23 11.34 1.52 4.39
C ASP A 23 11.50 0.06 4.93
N ASP A 24 11.74 -0.90 4.04
CA ASP A 24 11.97 -2.26 4.46
C ASP A 24 12.85 -2.18 5.69
N MET A 25 14.02 -1.54 5.55
CA MET A 25 14.93 -1.36 6.72
C MET A 25 14.33 -0.89 7.98
N ALA A 26 13.54 0.18 7.91
CA ALA A 26 12.98 0.80 9.12
C ALA A 26 12.03 -0.14 9.73
N ALA A 27 11.15 -0.71 8.92
CA ALA A 27 10.17 -1.65 9.48
C ALA A 27 10.89 -2.79 10.25
N CYS A 28 12.06 -3.30 9.79
CA CYS A 28 12.76 -4.34 10.62
C CYS A 28 13.20 -3.72 11.87
N MET A 29 13.82 -2.54 11.81
CA MET A 29 14.34 -1.96 13.10
C MET A 29 13.24 -1.54 14.07
N LYS A 30 12.08 -1.23 13.52
CA LYS A 30 10.91 -0.95 14.38
C LYS A 30 10.48 -2.21 15.09
N SER A 31 10.20 -3.24 14.34
CA SER A 31 9.98 -4.54 14.95
C SER A 31 11.06 -4.96 15.97
N VAL A 32 12.33 -4.69 15.71
CA VAL A 32 13.40 -5.10 16.68
C VAL A 32 13.33 -4.31 17.97
N THR A 33 13.28 -2.98 17.87
CA THR A 33 13.02 -2.11 19.03
C THR A 33 11.80 -2.55 19.82
N GLU A 34 10.72 -2.98 19.19
CA GLU A 34 9.47 -3.42 19.96
C GLU A 34 9.60 -4.70 20.79
N GLN A 35 10.57 -5.57 20.49
CA GLN A 35 10.92 -6.69 21.40
C GLN A 35 11.38 -6.25 22.79
N GLY A 36 11.67 -4.96 22.98
CA GLY A 36 11.83 -4.39 24.32
C GLY A 36 13.20 -4.44 24.97
N ALA A 37 14.14 -5.15 24.34
CA ALA A 37 15.50 -5.26 24.90
C ALA A 37 16.32 -4.09 24.39
N GLU A 38 17.30 -3.68 25.17
CA GLU A 38 18.20 -2.59 24.84
C GLU A 38 18.97 -2.86 23.57
N LEU A 39 19.23 -1.79 22.81
CA LEU A 39 19.77 -1.86 21.48
C LEU A 39 21.25 -1.69 21.60
N SER A 40 22.01 -2.54 20.90
CA SER A 40 23.45 -2.44 20.90
C SER A 40 23.70 -1.22 20.08
N ASN A 41 24.94 -0.75 20.11
CA ASN A 41 25.39 0.40 19.32
C ASN A 41 25.19 0.21 17.82
N GLU A 42 25.33 -1.02 17.34
CA GLU A 42 25.07 -1.34 15.91
C GLU A 42 23.60 -1.14 15.62
N GLU A 43 22.73 -1.82 16.35
CA GLU A 43 21.26 -1.77 16.13
C GLU A 43 20.66 -0.37 16.33
N ARG A 44 21.23 0.39 17.24
CA ARG A 44 20.86 1.78 17.43
C ARG A 44 21.17 2.56 16.18
N ASN A 45 22.32 2.28 15.59
CA ASN A 45 22.73 2.98 14.38
C ASN A 45 21.87 2.58 13.20
N LEU A 46 21.59 1.28 13.05
CA LEU A 46 20.69 0.84 11.98
C LEU A 46 19.32 1.54 12.12
N LEU A 47 18.86 1.75 13.33
CA LEU A 47 17.57 2.39 13.58
C LEU A 47 17.60 3.83 13.08
N SER A 48 18.66 4.53 13.44
CA SER A 48 18.85 5.93 13.16
C SER A 48 19.04 6.18 11.69
N VAL A 49 19.85 5.33 11.04
CA VAL A 49 20.21 5.52 9.63
C VAL A 49 18.97 5.36 8.79
N ALA A 50 18.14 4.42 9.18
CA ALA A 50 17.04 3.99 8.37
C ALA A 50 15.88 4.97 8.57
N TYR A 51 15.58 5.35 9.77
CA TYR A 51 14.57 6.41 9.91
C TYR A 51 15.07 7.74 9.40
N LYS A 52 16.37 7.96 9.39
CA LYS A 52 16.93 9.19 8.83
C LYS A 52 16.72 9.29 7.32
N ASN A 53 17.04 8.20 6.61
CA ASN A 53 16.81 8.14 5.19
C ASN A 53 15.34 8.27 4.82
N VAL A 54 14.50 7.51 5.55
CA VAL A 54 13.06 7.39 5.28
C VAL A 54 12.32 8.73 5.52
N VAL A 55 12.59 9.41 6.63
CA VAL A 55 11.94 10.70 6.89
C VAL A 55 12.54 11.79 6.01
N GLY A 56 13.87 11.71 5.82
CA GLY A 56 14.66 12.68 5.06
C GLY A 56 14.26 12.87 3.64
N ALA A 57 13.77 11.79 3.00
CA ALA A 57 13.17 11.87 1.68
C ALA A 57 11.84 12.65 1.66
N ARG A 58 11.04 12.49 2.69
CA ARG A 58 9.73 13.14 2.79
C ARG A 58 9.88 14.65 3.11
N ARG A 59 10.80 14.98 4.02
CA ARG A 59 11.21 16.37 4.28
C ARG A 59 11.75 17.10 3.09
N SER A 60 12.75 16.48 2.45
CA SER A 60 13.29 16.98 1.18
C SER A 60 12.24 17.31 0.15
N SER A 61 11.27 16.41 0.06
CA SER A 61 10.18 16.48 -0.88
C SER A 61 9.13 17.50 -0.50
N TRP A 62 8.93 17.61 0.79
CA TRP A 62 8.00 18.53 1.34
C TRP A 62 8.48 19.93 0.96
N ARG A 63 9.78 20.21 1.12
CA ARG A 63 10.36 21.52 0.80
C ARG A 63 10.14 21.89 -0.66
N VAL A 64 10.60 21.03 -1.56
CA VAL A 64 10.51 21.24 -3.02
C VAL A 64 9.12 21.56 -3.48
N VAL A 65 8.14 20.87 -2.92
CA VAL A 65 6.73 21.04 -3.26
C VAL A 65 6.12 22.25 -2.54
N SER A 66 6.62 22.56 -1.34
CA SER A 66 6.17 23.73 -0.57
C SER A 66 6.65 25.04 -1.21
N SER A 67 7.88 25.04 -1.74
CA SER A 67 8.42 26.21 -2.42
C SER A 67 7.71 26.46 -3.73
N ILE A 68 7.45 25.40 -4.49
CA ILE A 68 6.63 25.48 -5.72
C ILE A 68 5.19 25.98 -5.43
N GLU A 69 4.63 25.63 -4.28
CA GLU A 69 3.31 26.15 -3.86
C GLU A 69 3.31 27.68 -3.69
N GLN A 70 4.36 28.21 -3.05
CA GLN A 70 4.47 29.64 -2.78
C GLN A 70 4.82 30.43 -4.05
N LYS A 71 5.79 29.92 -4.82
CA LYS A 71 6.18 30.52 -6.12
C LYS A 71 5.06 30.51 -7.20
N THR A 72 3.89 29.98 -6.86
CA THR A 72 2.68 30.10 -7.69
C THR A 72 1.49 30.68 -6.89
N GLU A 73 1.70 31.81 -6.23
CA GLU A 73 0.57 32.61 -5.67
C GLU A 73 -0.47 32.98 -6.78
N ALA A 75 -1.29 31.45 -10.38
CA ALA A 75 -2.22 30.46 -10.93
C ALA A 75 -2.95 29.73 -9.80
N GLU A 76 -4.29 29.78 -9.78
CA GLU A 76 -5.05 29.23 -8.64
C GLU A 76 -5.11 27.69 -8.64
N LYS A 77 -5.34 27.09 -9.79
CA LYS A 77 -5.65 25.65 -9.86
C LYS A 77 -4.40 24.76 -9.79
N LYS A 78 -3.29 25.20 -10.38
CA LYS A 78 -1.99 24.51 -10.23
C LYS A 78 -1.46 24.61 -8.81
N GLN A 79 -1.82 25.68 -8.11
CA GLN A 79 -1.44 25.88 -6.69
C GLN A 79 -2.22 24.96 -5.74
N GLN A 80 -3.49 24.71 -6.05
CA GLN A 80 -4.30 23.75 -5.30
C GLN A 80 -3.74 22.33 -5.46
N MET A 81 -3.28 22.00 -6.66
CA MET A 81 -2.67 20.68 -6.92
C MET A 81 -1.44 20.45 -6.06
N ALA A 82 -0.53 21.43 -6.08
CA ALA A 82 0.65 21.46 -5.23
C ALA A 82 0.31 21.41 -3.73
N ARG A 83 -0.73 22.13 -3.34
CA ARG A 83 -1.20 22.14 -1.94
C ARG A 83 -1.61 20.76 -1.51
N GLU A 84 -2.43 20.10 -2.34
CA GLU A 84 -2.92 18.76 -2.01
C GLU A 84 -1.78 17.73 -2.01
N TYR A 85 -0.86 17.86 -2.94
CA TYR A 85 0.31 17.00 -3.02
C TYR A 85 1.22 17.26 -1.81
N ARG A 86 1.27 18.51 -1.36
CA ARG A 86 2.07 18.78 -0.18
C ARG A 86 1.47 18.02 0.97
N GLU A 87 0.16 18.05 1.08
CA GLU A 87 -0.54 17.52 2.26
C GLU A 87 -0.40 16.00 2.31
N LYS A 88 -0.49 15.35 1.16
CA LYS A 88 -0.15 13.89 1.04
C LYS A 88 1.19 13.65 1.69
N ILE A 89 2.19 14.41 1.26
CA ILE A 89 3.56 14.30 1.77
C ILE A 89 3.67 14.51 3.27
N GLU A 90 2.93 15.47 3.82
CA GLU A 90 2.97 15.70 5.30
C GLU A 90 2.44 14.51 6.07
N THR A 91 1.29 13.99 5.65
CA THR A 91 0.72 12.82 6.24
C THR A 91 1.79 11.64 6.29
N GLU A 92 2.48 11.35 5.19
CA GLU A 92 3.52 10.29 5.25
C GLU A 92 4.58 10.67 6.24
N LEU A 93 4.86 11.96 6.33
CA LEU A 93 5.95 12.47 7.19
C LEU A 93 5.60 12.30 8.64
N ARG A 94 4.44 12.83 9.01
CA ARG A 94 3.83 12.60 10.34
C ARG A 94 3.73 11.17 10.80
N ASP A 95 3.37 10.27 9.91
CA ASP A 95 3.27 8.81 10.29
C ASP A 95 4.64 8.27 10.68
N ILE A 96 5.65 8.62 9.90
CA ILE A 96 7.01 8.26 10.25
C ILE A 96 7.41 8.82 11.63
N CYS A 97 7.32 10.14 11.79
CA CYS A 97 7.65 10.79 13.08
C CYS A 97 6.93 10.20 14.24
N ASN A 98 5.65 9.88 14.04
CA ASN A 98 4.88 9.30 15.11
C ASN A 98 5.42 7.88 15.51
N ASP A 99 5.82 7.09 14.52
CA ASP A 99 6.32 5.74 14.76
C ASP A 99 7.58 5.83 15.60
N VAL A 100 8.52 6.65 15.15
CA VAL A 100 9.79 6.85 15.86
C VAL A 100 9.57 7.43 17.25
N LEU A 101 8.84 8.53 17.39
CA LEU A 101 8.61 9.11 18.72
C LEU A 101 8.06 8.11 19.68
N SER A 102 7.17 7.28 19.21
CA SER A 102 6.64 6.18 20.04
C SER A 102 7.77 5.19 20.47
N LEU A 103 8.64 4.78 19.55
CA LEU A 103 9.73 3.88 19.95
C LEU A 103 10.58 4.56 20.95
N LEU A 104 10.77 5.85 20.74
CA LEU A 104 11.64 6.61 21.64
C LEU A 104 11.12 6.66 23.04
N GLU A 105 9.88 7.11 23.15
CA GLU A 105 9.26 7.38 24.46
C GLU A 105 8.88 6.10 25.16
N LYS A 106 8.32 5.16 24.41
CA LYS A 106 7.93 3.89 24.98
C LYS A 106 9.08 2.96 25.28
N PHE A 107 9.92 2.66 24.27
CA PHE A 107 10.91 1.54 24.40
C PHE A 107 12.31 2.02 24.64
N LEU A 108 12.78 2.98 23.84
CA LEU A 108 14.19 3.35 23.81
C LEU A 108 14.69 4.19 24.95
N ILE A 109 14.02 5.30 25.22
CA ILE A 109 14.50 6.22 26.25
C ILE A 109 14.47 5.59 27.63
N PRO A 110 13.35 4.96 28.03
CA PRO A 110 13.26 4.41 29.39
C PRO A 110 14.16 3.23 29.72
N ASN A 111 14.67 2.58 28.68
CA ASN A 111 15.48 1.39 28.78
C ASN A 111 16.95 1.71 28.47
N ALA A 112 17.28 3.00 28.26
CA ALA A 112 18.67 3.43 28.06
C ALA A 112 19.36 3.51 29.41
N SER A 113 20.45 2.74 29.55
CA SER A 113 21.10 2.57 30.85
C SER A 113 22.30 3.47 31.08
N GLN A 114 22.97 3.90 30.02
CA GLN A 114 24.15 4.78 30.13
C GLN A 114 23.82 6.20 29.67
N ALA A 115 24.57 7.20 30.14
CA ALA A 115 24.32 8.60 29.80
C ALA A 115 24.54 8.94 28.34
N GLU A 116 25.46 8.23 27.69
CA GLU A 116 25.73 8.43 26.26
C GLU A 116 24.50 8.16 25.40
N SER A 117 23.80 7.07 25.73
CA SER A 117 22.61 6.64 25.01
C SER A 117 21.36 7.47 25.38
N LYS A 118 21.19 7.82 26.64
CA LYS A 118 20.07 8.66 27.07
C LYS A 118 20.07 9.99 26.32
N VAL A 119 21.25 10.53 26.10
CA VAL A 119 21.39 11.79 25.32
C VAL A 119 21.16 11.57 23.82
N PHE A 120 21.63 10.42 23.32
CA PHE A 120 21.45 10.12 21.91
C PHE A 120 19.98 10.07 21.54
N TYR A 121 19.19 9.41 22.41
CA TYR A 121 17.79 9.19 22.19
C TYR A 121 16.92 10.44 22.44
N LEU A 122 17.23 11.19 23.49
CA LEU A 122 16.61 12.47 23.76
C LEU A 122 16.89 13.51 22.67
N LYS A 123 18.11 13.47 22.13
CA LYS A 123 18.45 14.32 20.97
C LYS A 123 17.49 14.00 19.84
N MET A 124 17.41 12.69 19.54
CA MET A 124 16.53 12.15 18.49
C MET A 124 15.04 12.48 18.72
N LYS A 125 14.55 12.28 19.94
CA LYS A 125 13.25 12.81 20.37
C LYS A 125 12.99 14.27 19.91
N GLY A 126 13.93 15.16 20.20
CA GLY A 126 13.79 16.56 19.82
C GLY A 126 13.84 16.72 18.33
N ASP A 127 14.70 15.90 17.69
CA ASP A 127 14.83 15.96 16.21
C ASP A 127 13.51 15.68 15.58
N TYR A 128 12.83 14.64 16.03
CA TYR A 128 11.61 14.19 15.34
C TYR A 128 10.42 15.07 15.71
N TYR A 129 10.32 15.51 16.97
CA TYR A 129 9.40 16.59 17.27
C TYR A 129 9.67 17.81 16.38
N ARG A 130 10.95 18.10 16.13
CA ARG A 130 11.30 19.26 15.30
C ARG A 130 10.77 19.13 13.90
N TYR A 131 10.98 17.95 13.32
CA TYR A 131 10.46 17.67 11.99
C TYR A 131 8.95 17.83 11.93
N LEU A 132 8.29 17.37 12.97
CA LEU A 132 6.84 17.57 13.07
C LEU A 132 6.42 19.04 13.15
N ALA A 133 7.23 19.84 13.85
CA ALA A 133 7.02 21.29 13.93
C ALA A 133 7.28 22.01 12.62
N GLU A 134 8.17 21.48 11.74
CA GLU A 134 8.41 22.10 10.42
C GLU A 134 7.16 22.10 9.51
N VAL A 135 6.19 21.24 9.82
CA VAL A 135 4.95 21.09 9.05
C VAL A 135 3.70 21.28 9.92
N ALA A 136 3.82 21.55 11.20
CA ALA A 136 2.67 21.81 12.07
C ALA A 136 1.78 22.96 11.54
N ALA A 137 0.46 22.72 11.64
CA ALA A 137 -0.58 23.72 11.45
C ALA A 137 -0.73 24.55 12.73
N GLY A 138 -1.37 25.72 12.60
CA GLY A 138 -1.42 26.74 13.67
C GLY A 138 -1.58 26.27 15.10
N ASP A 139 -2.70 25.64 15.41
CA ASP A 139 -3.09 25.37 16.82
C ASP A 139 -2.25 24.26 17.48
N ASP A 140 -1.80 23.27 16.69
CA ASP A 140 -0.96 22.19 17.22
C ASP A 140 0.50 22.57 17.29
N LYS A 141 0.91 23.63 16.59
CA LYS A 141 2.36 23.99 16.49
C LYS A 141 3.00 24.25 17.81
N LYS A 142 2.44 25.18 18.58
CA LYS A 142 3.01 25.53 19.88
C LYS A 142 3.44 24.29 20.69
N GLY A 143 2.53 23.37 20.97
CA GLY A 143 2.81 22.22 21.86
C GLY A 143 3.87 21.25 21.33
N ILE A 144 3.92 21.13 20.01
CA ILE A 144 4.93 20.30 19.35
C ILE A 144 6.32 20.89 19.49
N VAL A 145 6.42 22.19 19.26
CA VAL A 145 7.65 22.95 19.51
C VAL A 145 8.15 22.79 20.93
N ASP A 146 7.26 22.80 21.89
CA ASP A 146 7.64 22.65 23.30
C ASP A 146 8.17 21.27 23.58
N GLN A 147 7.60 20.26 22.94
CA GLN A 147 8.02 18.87 23.13
C GLN A 147 9.43 18.74 22.60
N SER A 148 9.68 19.28 21.39
CA SER A 148 11.05 19.37 20.84
C SER A 148 12.02 19.98 21.86
N GLN A 149 11.74 21.22 22.27
CA GLN A 149 12.61 21.97 23.17
C GLN A 149 12.89 21.25 24.47
N GLN A 150 11.87 20.72 25.13
CA GLN A 150 12.11 20.02 26.40
C GLN A 150 13.05 18.81 26.24
N ALA A 151 12.89 18.08 25.14
CA ALA A 151 13.70 16.92 24.87
C ALA A 151 15.13 17.32 24.68
N TYR A 152 15.34 18.42 23.97
CA TYR A 152 16.70 18.85 23.59
C TYR A 152 17.39 19.36 24.85
N GLN A 153 16.68 20.24 25.56
CA GLN A 153 17.05 20.70 26.91
C GLN A 153 17.48 19.59 27.84
N GLU A 154 16.64 18.60 28.04
CA GLU A 154 16.98 17.49 28.94
C GLU A 154 18.19 16.69 28.43
N ALA A 155 18.39 16.65 27.12
CA ALA A 155 19.56 16.05 26.51
C ALA A 155 20.78 16.92 26.73
N PHE A 156 20.55 18.23 26.62
CA PHE A 156 21.61 19.22 26.67
C PHE A 156 22.28 19.21 28.01
N GLU A 157 21.47 19.19 29.05
CA GLU A 157 21.92 19.22 30.43
C GLU A 157 22.65 17.94 30.84
N ILE A 158 22.18 16.80 30.36
CA ILE A 158 22.85 15.54 30.69
C ILE A 158 24.23 15.52 30.06
N SER A 159 24.36 16.08 28.86
CA SER A 159 25.66 16.10 28.15
C SER A 159 26.66 17.05 28.79
N LYS A 160 26.19 18.24 29.18
CA LYS A 160 27.00 19.20 29.98
C LYS A 160 27.55 18.59 31.26
N LYS A 161 26.78 17.76 31.95
CA LYS A 161 27.29 17.14 33.19
C LYS A 161 28.12 15.85 32.92
N GLU A 162 27.77 15.07 31.90
CA GLU A 162 28.32 13.70 31.73
C GLU A 162 29.25 13.46 30.53
N MET A 163 29.39 14.43 29.64
CA MET A 163 30.18 14.25 28.43
C MET A 163 31.21 15.37 28.16
N GLN A 164 32.26 15.00 27.42
CA GLN A 164 33.28 15.96 27.01
C GLN A 164 32.65 16.91 25.98
N PRO A 165 33.07 18.20 25.95
CA PRO A 165 32.50 19.10 24.94
C PRO A 165 32.95 18.82 23.51
N THR A 166 33.94 17.95 23.34
CA THR A 166 34.45 17.49 22.05
C THR A 166 33.74 16.25 21.55
N HIS A 167 32.89 15.64 22.38
CA HIS A 167 32.21 14.39 22.04
C HIS A 167 31.19 14.64 20.93
N PRO A 168 31.22 13.81 19.87
CA PRO A 168 30.40 14.07 18.69
C PRO A 168 28.90 14.17 18.96
N ILE A 169 28.41 13.30 19.83
CA ILE A 169 27.00 13.28 20.21
C ILE A 169 26.60 14.56 20.95
N ARG A 170 27.43 15.01 21.88
CA ARG A 170 27.22 16.33 22.50
C ARG A 170 27.24 17.45 21.51
N LEU A 171 28.15 17.36 20.55
CA LEU A 171 28.26 18.37 19.50
C LEU A 171 27.10 18.30 18.50
N GLY A 172 26.63 17.10 18.21
CA GLY A 172 25.47 16.94 17.32
C GLY A 172 24.21 17.48 17.98
N LEU A 173 24.11 17.24 19.27
CA LEU A 173 23.06 17.78 20.06
C LEU A 173 23.05 19.33 20.07
N ALA A 174 24.24 19.90 20.24
CA ALA A 174 24.46 21.36 20.26
C ALA A 174 24.09 21.99 18.95
N LEU A 175 24.44 21.30 17.87
CA LEU A 175 24.16 21.76 16.51
C LEU A 175 22.69 21.76 16.22
N ASN A 176 22.07 20.59 16.43
CA ASN A 176 20.63 20.43 16.19
C ASN A 176 19.79 21.34 17.10
N PHE A 177 20.22 21.48 18.36
CA PHE A 177 19.53 22.35 19.28
C PHE A 177 19.59 23.83 18.85
N SER A 178 20.72 24.27 18.30
CA SER A 178 20.87 25.65 17.83
C SER A 178 19.98 25.88 16.61
N VAL A 179 19.96 24.88 15.72
CA VAL A 179 19.12 24.94 14.52
C VAL A 179 17.64 24.97 14.87
N PHE A 180 17.28 24.31 15.98
CA PHE A 180 15.92 24.37 16.51
C PHE A 180 15.58 25.84 16.79
N TYR A 181 16.36 26.46 17.67
CA TYR A 181 16.21 27.88 18.04
C TYR A 181 16.14 28.80 16.83
N TYR A 182 16.99 28.55 15.84
CA TYR A 182 17.08 29.42 14.67
C TYR A 182 15.91 29.25 13.72
N GLU A 183 15.61 28.00 13.34
CA GLU A 183 14.58 27.69 12.32
C GLU A 183 13.18 27.58 12.82
N ILE A 184 13.00 27.23 14.09
CA ILE A 184 11.68 26.91 14.62
C ILE A 184 11.17 28.06 15.48
N LEU A 185 11.94 28.41 16.52
CA LEU A 185 11.63 29.54 17.38
C LEU A 185 11.96 30.92 16.80
N ASN A 186 12.64 30.99 15.65
CA ASN A 186 13.15 32.27 15.09
C ASN A 186 13.85 33.16 16.11
N SER A 187 14.81 32.56 16.80
CA SER A 187 15.59 33.21 17.87
C SER A 187 17.09 33.12 17.54
N PRO A 188 17.60 34.06 16.70
CA PRO A 188 19.00 33.95 16.24
C PRO A 188 20.09 34.19 17.31
N GLU A 189 19.79 34.95 18.37
CA GLU A 189 20.78 35.27 19.40
C GLU A 189 21.06 34.09 20.29
N LYS A 190 20.01 33.36 20.65
CA LYS A 190 20.13 32.10 21.38
C LYS A 190 20.80 31.05 20.49
N ALA A 191 20.46 31.06 19.20
CA ALA A 191 21.02 30.13 18.24
C ALA A 191 22.52 30.23 18.18
N CYS A 192 23.01 31.42 17.80
CA CYS A 192 24.45 31.64 17.55
C CYS A 192 25.22 31.44 18.83
N SER A 193 24.70 31.99 19.92
CA SER A 193 25.36 31.82 21.21
C SER A 193 25.56 30.33 21.59
N LEU A 194 24.59 29.48 21.27
CA LEU A 194 24.61 28.07 21.68
C LEU A 194 25.66 27.39 20.83
N ALA A 195 25.60 27.64 19.53
CA ALA A 195 26.57 27.17 18.56
C ALA A 195 28.00 27.58 18.91
N LYS A 196 28.23 28.87 19.11
CA LYS A 196 29.59 29.40 19.40
C LYS A 196 30.12 28.82 20.69
N THR A 197 29.37 28.95 21.76
CA THR A 197 29.73 28.38 23.07
C THR A 197 30.15 26.91 22.95
N ALA A 198 29.37 26.12 22.22
CA ALA A 198 29.66 24.69 22.06
C ALA A 198 30.81 24.44 21.08
N PHE A 199 30.94 25.29 20.08
CA PHE A 199 32.12 25.32 19.21
C PHE A 199 33.39 25.60 20.02
N ASP A 200 33.45 26.80 20.60
CA ASP A 200 34.60 27.31 21.39
C ASP A 200 35.11 26.34 22.43
N GLU A 201 34.21 25.69 23.15
CA GLU A 201 34.60 24.74 24.19
C GLU A 201 35.20 23.45 23.60
N ALA A 202 34.78 23.09 22.39
CA ALA A 202 35.35 21.94 21.71
C ALA A 202 36.78 22.22 21.30
N ILE A 203 37.00 23.34 20.58
CA ILE A 203 38.37 23.70 20.13
C ILE A 203 39.34 23.75 21.30
N ALA A 204 38.89 24.30 22.42
CA ALA A 204 39.69 24.33 23.64
C ALA A 204 40.13 22.95 24.20
N GLU A 205 39.67 21.83 23.63
CA GLU A 205 40.24 20.50 23.96
C GLU A 205 40.53 19.71 22.69
N LEU A 206 40.69 20.41 21.57
CA LEU A 206 40.97 19.76 20.30
C LEU A 206 42.36 19.16 20.28
N ASP A 207 43.06 19.25 21.41
CA ASP A 207 44.40 18.71 21.53
C ASP A 207 44.40 17.33 22.18
N THR A 208 43.28 17.01 22.84
CA THR A 208 43.14 15.72 23.51
C THR A 208 42.94 14.59 22.51
N LEU A 209 42.04 14.81 21.55
CA LEU A 209 41.75 13.82 20.53
C LEU A 209 42.97 13.56 19.65
N TYR A 214 38.42 12.35 16.71
CA TYR A 214 38.83 13.56 16.02
C TYR A 214 37.99 13.77 14.75
N LYS A 215 38.05 12.78 13.85
CA LYS A 215 37.44 12.89 12.52
C LYS A 215 35.95 13.22 12.61
N ASP A 216 35.30 12.53 13.52
CA ASP A 216 33.84 12.61 13.71
C ASP A 216 33.43 13.98 14.28
N SER A 217 34.17 14.43 15.31
CA SER A 217 33.91 15.69 16.00
C SER A 217 34.15 16.91 15.13
N THR A 218 35.24 16.85 14.36
CA THR A 218 35.61 17.93 13.45
C THR A 218 34.50 18.23 12.47
N LEU A 219 33.98 17.21 11.82
CA LEU A 219 32.83 17.35 10.88
C LEU A 219 31.71 18.24 11.42
N ILE A 220 31.35 17.99 12.68
CA ILE A 220 30.24 18.68 13.31
C ILE A 220 30.64 20.12 13.65
N MET A 221 31.89 20.25 14.14
CA MET A 221 32.50 21.55 14.36
C MET A 221 32.53 22.40 13.10
N GLN A 222 32.86 21.79 11.95
CA GLN A 222 32.77 22.49 10.67
C GLN A 222 31.35 22.99 10.45
N LEU A 223 30.36 22.10 10.60
CA LEU A 223 28.94 22.43 10.34
C LEU A 223 28.44 23.55 11.26
N LEU A 224 28.79 23.40 12.54
CA LEU A 224 28.59 24.44 13.54
C LEU A 224 29.12 25.79 13.07
N ARG A 225 30.35 25.79 12.54
CA ARG A 225 30.97 26.99 11.98
C ARG A 225 30.23 27.54 10.74
N ASP A 226 30.01 26.72 9.70
CA ASP A 226 29.27 27.15 8.47
C ASP A 226 27.92 27.77 8.82
N ASN A 227 27.27 27.22 9.85
CA ASN A 227 25.98 27.69 10.33
C ASN A 227 26.11 29.08 10.87
N LEU A 228 27.00 29.25 11.86
CA LEU A 228 27.31 30.55 12.48
C LEU A 228 27.59 31.63 11.43
N THR A 229 28.45 31.28 10.47
CA THR A 229 28.74 32.11 9.29
C THR A 229 27.46 32.55 8.56
N LEU A 230 26.64 31.58 8.16
CA LEU A 230 25.38 31.83 7.46
C LEU A 230 24.43 32.73 8.27
N TRP A 231 24.35 32.48 9.57
CA TRP A 231 23.38 33.13 10.45
C TRP A 231 23.74 34.58 10.76
N THR A 232 25.03 34.88 10.91
CA THR A 232 25.52 36.27 10.99
C THR A 232 25.67 36.83 9.57
N SER A 233 24.63 37.49 9.07
CA SER A 233 24.61 37.99 7.68
C SER A 233 23.37 38.85 7.45
N SER B 2 -13.48 15.35 -20.80
CA SER B 2 -14.86 14.88 -20.80
C SER B 2 -15.13 13.98 -19.60
N HIS B 3 -14.08 13.36 -19.09
CA HIS B 3 -14.21 12.46 -17.94
C HIS B 3 -13.05 12.68 -16.96
N MET B 4 -11.86 12.91 -17.49
CA MET B 4 -10.66 13.13 -16.67
C MET B 4 -9.82 14.29 -17.16
N ASP B 5 -8.74 14.64 -16.43
CA ASP B 5 -7.91 15.76 -16.82
C ASP B 5 -6.44 15.47 -17.16
N LYS B 6 -6.09 15.34 -18.40
CA LYS B 6 -4.73 14.91 -18.81
C LYS B 6 -3.69 15.99 -18.57
N ASN B 7 -4.03 17.26 -18.81
CA ASN B 7 -3.05 18.27 -18.57
C ASN B 7 -2.66 18.36 -17.11
N GLU B 8 -3.60 18.14 -16.19
CA GLU B 8 -3.24 18.14 -14.76
C GLU B 8 -2.44 16.93 -14.32
N LEU B 9 -2.63 15.79 -14.98
CA LEU B 9 -1.85 14.58 -14.70
C LEU B 9 -0.40 14.86 -15.04
N VAL B 10 -0.19 15.44 -16.21
CA VAL B 10 1.18 15.83 -16.67
C VAL B 10 1.86 16.79 -15.67
N GLN B 11 1.20 17.90 -15.34
CA GLN B 11 1.75 18.81 -14.31
C GLN B 11 2.13 18.05 -13.06
N LYS B 12 1.25 17.15 -12.62
CA LYS B 12 1.49 16.35 -11.41
C LYS B 12 2.71 15.35 -11.56
N ALA B 13 2.89 14.79 -12.74
CA ALA B 13 4.14 14.07 -13.11
C ALA B 13 5.43 14.88 -12.99
N LYS B 14 5.35 16.15 -13.40
CA LYS B 14 6.51 17.07 -13.35
C LYS B 14 6.79 17.48 -11.95
N LEU B 15 5.72 17.65 -11.19
CA LEU B 15 5.86 17.98 -9.78
C LEU B 15 6.35 16.76 -8.97
N ALA B 16 5.80 15.58 -9.28
CA ALA B 16 6.35 14.30 -8.68
C ALA B 16 7.80 14.20 -9.03
N GLU B 17 8.19 14.56 -10.26
CA GLU B 17 9.61 14.44 -10.68
C GLU B 17 10.50 15.29 -9.85
N GLN B 18 10.16 16.58 -9.76
CA GLN B 18 10.95 17.53 -8.97
C GLN B 18 11.04 17.06 -7.55
N ALA B 19 9.93 16.62 -6.97
CA ALA B 19 9.94 16.08 -5.61
C ALA B 19 10.69 14.73 -5.45
N GLU B 20 11.17 14.15 -6.55
CA GLU B 20 11.91 12.91 -6.58
C GLU B 20 11.09 11.76 -6.08
N ARG B 21 9.84 11.68 -6.57
CA ARG B 21 8.86 10.66 -6.23
C ARG B 21 8.40 9.98 -7.48
N TYR B 22 9.14 8.94 -7.85
CA TYR B 22 9.09 8.42 -9.19
C TYR B 22 7.96 7.46 -9.34
N ASP B 23 7.64 6.77 -8.25
CA ASP B 23 6.51 5.85 -8.22
C ASP B 23 5.26 6.69 -8.44
N ASP B 24 5.20 7.84 -7.77
CA ASP B 24 4.08 8.77 -7.92
C ASP B 24 4.11 9.15 -9.39
N MET B 25 5.22 9.76 -9.81
CA MET B 25 5.42 10.10 -11.23
C MET B 25 4.94 9.15 -12.23
N ALA B 26 5.27 7.86 -12.06
CA ALA B 26 4.94 6.86 -13.08
C ALA B 26 3.46 6.73 -13.12
N ALA B 27 2.84 6.60 -11.96
CA ALA B 27 1.40 6.46 -11.96
C ALA B 27 0.70 7.65 -12.73
N CYS B 28 1.20 8.90 -12.64
CA CYS B 28 0.59 9.99 -13.50
C CYS B 28 0.81 9.67 -14.92
N MET B 29 2.04 9.32 -15.29
CA MET B 29 2.28 9.08 -16.76
C MET B 29 1.55 7.85 -17.32
N LYS B 30 1.30 6.90 -16.43
CA LYS B 30 0.47 5.73 -16.81
C LYS B 30 -0.93 6.17 -17.08
N SER B 31 -1.55 6.79 -16.12
CA SER B 31 -2.85 7.41 -16.39
C SER B 31 -2.87 8.31 -17.68
N VAL B 32 -1.83 9.07 -17.96
CA VAL B 32 -1.85 9.93 -19.17
C VAL B 32 -1.80 9.17 -20.46
N THR B 33 -0.84 8.24 -20.56
CA THR B 33 -0.81 7.24 -21.68
C THR B 33 -2.15 6.58 -21.89
N GLU B 34 -2.88 6.21 -20.84
CA GLU B 34 -4.20 5.52 -21.00
C GLU B 34 -5.35 6.35 -21.59
N GLN B 35 -5.27 7.68 -21.52
CA GLN B 35 -6.20 8.56 -22.28
C GLN B 35 -6.18 8.34 -23.79
N GLY B 36 -5.17 7.62 -24.32
CA GLY B 36 -5.20 7.12 -25.69
C GLY B 36 -4.66 8.02 -26.78
N ALA B 37 -4.36 9.27 -26.43
CA ALA B 37 -3.85 10.25 -27.37
C ALA B 37 -2.34 10.09 -27.42
N GLU B 38 -1.77 10.42 -28.57
CA GLU B 38 -0.34 10.33 -28.79
C GLU B 38 0.39 11.32 -27.88
N LEU B 39 1.59 10.91 -27.45
CA LEU B 39 2.32 11.61 -26.41
C LEU B 39 3.28 12.54 -27.11
N SER B 40 3.36 13.78 -26.61
CA SER B 40 4.29 14.74 -27.12
C SER B 40 5.62 14.22 -26.68
N ASN B 41 6.67 14.81 -27.25
CA ASN B 41 8.04 14.48 -26.91
C ASN B 41 8.36 14.68 -25.42
N GLU B 42 7.76 15.69 -24.80
CA GLU B 42 7.93 15.93 -23.35
C GLU B 42 7.31 14.80 -22.57
N GLU B 43 6.02 14.54 -22.78
CA GLU B 43 5.34 13.46 -22.08
C GLU B 43 6.07 12.14 -22.25
N ARG B 44 6.52 11.87 -23.47
CA ARG B 44 7.25 10.65 -23.77
C ARG B 44 8.45 10.50 -22.83
N ASN B 45 9.23 11.55 -22.72
CA ASN B 45 10.41 11.54 -21.85
C ASN B 45 10.00 11.30 -20.40
N LEU B 46 8.97 12.01 -19.95
CA LEU B 46 8.48 11.88 -18.59
C LEU B 46 8.12 10.42 -18.31
N LEU B 47 7.47 9.77 -19.27
CA LEU B 47 7.09 8.39 -19.13
C LEU B 47 8.31 7.50 -18.95
N SER B 48 9.28 7.73 -19.81
CA SER B 48 10.50 6.97 -19.87
C SER B 48 11.36 7.17 -18.65
N VAL B 49 11.49 8.43 -18.22
CA VAL B 49 12.38 8.80 -17.08
C VAL B 49 11.86 8.15 -15.84
N ALA B 50 10.54 8.12 -15.72
CA ALA B 50 9.91 7.75 -14.48
C ALA B 50 9.85 6.22 -14.41
N TYR B 51 9.49 5.55 -15.44
CA TYR B 51 9.62 4.10 -15.39
C TYR B 51 11.08 3.65 -15.32
N LYS B 52 12.00 4.45 -15.83
CA LYS B 52 13.42 4.14 -15.72
C LYS B 52 13.93 4.17 -14.31
N ASN B 53 13.60 5.24 -13.60
CA ASN B 53 13.95 5.37 -12.18
C ASN B 53 13.33 4.29 -11.32
N VAL B 54 12.03 4.05 -11.55
CA VAL B 54 11.20 3.12 -10.77
C VAL B 54 11.67 1.66 -10.93
N VAL B 55 11.91 1.21 -12.15
CA VAL B 55 12.40 -0.16 -12.35
C VAL B 55 13.86 -0.27 -11.95
N GLY B 56 14.65 0.78 -12.24
CA GLY B 56 16.08 0.83 -12.00
C GLY B 56 16.51 0.67 -10.56
N ALA B 57 15.68 1.11 -9.64
CA ALA B 57 15.86 0.86 -8.22
C ALA B 57 15.67 -0.62 -7.83
N ARG B 58 14.70 -1.28 -8.46
CA ARG B 58 14.41 -2.67 -8.18
C ARG B 58 15.48 -3.62 -8.79
N ARG B 59 15.91 -3.32 -10.01
CA ARG B 59 17.06 -3.98 -10.67
C ARG B 59 18.34 -3.88 -9.88
N SER B 60 18.70 -2.65 -9.55
CA SER B 60 19.86 -2.39 -8.68
C SER B 60 19.86 -3.21 -7.41
N SER B 61 18.68 -3.30 -6.82
CA SER B 61 18.43 -3.96 -5.58
C SER B 61 18.43 -5.48 -5.72
N TRP B 62 17.91 -5.91 -6.86
CA TRP B 62 17.84 -7.28 -7.17
C TRP B 62 19.28 -7.80 -7.24
N ARG B 63 20.16 -7.06 -7.92
CA ARG B 63 21.57 -7.46 -8.07
C ARG B 63 22.26 -7.66 -6.73
N VAL B 64 22.23 -6.61 -5.90
CA VAL B 64 22.88 -6.59 -4.58
C VAL B 64 22.49 -7.78 -3.71
N VAL B 65 21.20 -8.11 -3.76
CA VAL B 65 20.64 -9.20 -2.98
C VAL B 65 20.89 -10.57 -3.67
N SER B 66 20.95 -10.58 -5.00
CA SER B 66 21.25 -11.79 -5.77
C SER B 66 22.70 -12.23 -5.62
N SER B 67 23.62 -11.26 -5.57
CA SER B 67 25.04 -11.55 -5.37
C SER B 67 25.29 -12.07 -3.96
N ILE B 68 24.67 -11.44 -2.97
CA ILE B 68 24.71 -11.93 -1.58
C ILE B 68 24.12 -13.35 -1.43
N GLU B 69 23.11 -13.68 -2.22
CA GLU B 69 22.54 -15.03 -2.24
C GLU B 69 23.55 -16.09 -2.71
N GLN B 70 24.29 -15.77 -3.77
CA GLN B 70 25.29 -16.69 -4.35
C GLN B 70 26.54 -16.80 -3.49
N LYS B 71 27.04 -15.65 -3.01
CA LYS B 71 28.19 -15.61 -2.09
C LYS B 71 27.95 -16.27 -0.71
N THR B 72 26.74 -16.83 -0.50
CA THR B 72 26.45 -17.68 0.66
C THR B 72 25.82 -19.01 0.21
N ALA B 75 25.38 -19.55 5.81
CA ALA B 75 25.14 -20.88 5.28
C ALA B 75 23.69 -21.01 4.76
N GLU B 76 22.92 -21.97 5.29
CA GLU B 76 21.62 -22.31 4.70
C GLU B 76 20.52 -21.27 5.00
N LYS B 77 20.42 -20.77 6.22
CA LYS B 77 19.32 -19.89 6.61
C LYS B 77 19.40 -18.43 6.21
N LYS B 78 20.61 -17.92 6.07
CA LYS B 78 20.75 -16.56 5.62
C LYS B 78 20.63 -16.56 4.11
N GLN B 79 20.90 -17.69 3.46
CA GLN B 79 20.70 -17.84 2.04
C GLN B 79 19.21 -17.93 1.72
N GLN B 80 18.40 -18.38 2.64
CA GLN B 80 17.00 -18.47 2.35
C GLN B 80 16.33 -17.14 2.54
N MET B 81 16.94 -16.31 3.36
CA MET B 81 16.35 -15.06 3.67
C MET B 81 16.58 -14.16 2.48
N ALA B 82 17.72 -14.31 1.83
CA ALA B 82 18.09 -13.57 0.69
C ALA B 82 17.30 -14.08 -0.48
N ARG B 83 17.02 -15.35 -0.50
CA ARG B 83 16.24 -15.90 -1.57
C ARG B 83 14.83 -15.37 -1.53
N GLU B 84 14.28 -15.22 -0.35
CA GLU B 84 12.95 -14.72 -0.24
C GLU B 84 12.89 -13.23 -0.46
N TYR B 85 13.94 -12.51 -0.12
CA TYR B 85 13.92 -11.10 -0.29
C TYR B 85 14.12 -10.84 -1.73
N ARG B 86 14.84 -11.71 -2.39
CA ARG B 86 15.04 -11.52 -3.82
C ARG B 86 13.69 -11.62 -4.49
N GLU B 87 12.89 -12.60 -4.09
CA GLU B 87 11.65 -12.93 -4.79
C GLU B 87 10.64 -11.82 -4.62
N LYS B 88 10.57 -11.24 -3.42
CA LYS B 88 9.77 -10.00 -3.18
C LYS B 88 10.12 -8.98 -4.22
N ILE B 89 11.44 -8.71 -4.34
CA ILE B 89 11.94 -7.70 -5.28
C ILE B 89 11.57 -8.00 -6.73
N GLU B 90 11.64 -9.27 -7.16
CA GLU B 90 11.27 -9.61 -8.54
C GLU B 90 9.80 -9.35 -8.82
N THR B 91 8.91 -9.77 -7.93
CA THR B 91 7.52 -9.50 -8.06
C THR B 91 7.27 -7.96 -8.28
N GLU B 92 7.85 -7.08 -7.46
CA GLU B 92 7.67 -5.64 -7.74
C GLU B 92 8.20 -5.28 -9.10
N LEU B 93 9.27 -5.94 -9.50
CA LEU B 93 9.95 -5.64 -10.76
C LEU B 93 9.11 -6.01 -11.95
N ARG B 94 8.67 -7.27 -11.96
CA ARG B 94 7.70 -7.80 -12.93
C ARG B 94 6.42 -6.98 -13.08
N ASP B 95 5.86 -6.49 -11.97
CA ASP B 95 4.65 -5.67 -12.05
C ASP B 95 4.92 -4.37 -12.80
N ILE B 96 6.03 -3.74 -12.50
CA ILE B 96 6.45 -2.54 -13.23
C ILE B 96 6.58 -2.84 -14.73
N CYS B 97 7.43 -3.83 -15.09
CA CYS B 97 7.63 -4.19 -16.50
C CYS B 97 6.33 -4.50 -17.21
N ASN B 98 5.45 -5.21 -16.52
CA ASN B 98 4.18 -5.56 -17.10
C ASN B 98 3.31 -4.29 -17.41
N ASP B 99 3.31 -3.31 -16.51
CA ASP B 99 2.52 -2.10 -16.70
C ASP B 99 3.00 -1.37 -17.94
N VAL B 100 4.30 -1.15 -18.00
CA VAL B 100 4.91 -0.48 -19.14
C VAL B 100 4.69 -1.24 -20.44
N LEU B 101 5.03 -2.53 -20.49
CA LEU B 101 4.87 -3.29 -21.75
C LEU B 101 3.44 -3.20 -22.26
N SER B 102 2.50 -3.24 -21.35
CA SER B 102 1.08 -3.04 -21.73
C SER B 102 0.83 -1.65 -22.34
N LEU B 103 1.37 -0.59 -21.74
CA LEU B 103 1.17 0.76 -22.33
C LEU B 103 1.77 0.78 -23.69
N LEU B 104 2.91 0.11 -23.79
CA LEU B 104 3.63 0.13 -25.06
C LEU B 104 2.86 -0.52 -26.15
N GLU B 105 2.46 -1.75 -25.89
CA GLU B 105 1.85 -2.61 -26.91
C GLU B 105 0.43 -2.20 -27.19
N LYS B 106 -0.31 -1.87 -26.14
CA LYS B 106 -1.69 -1.44 -26.30
C LYS B 106 -1.82 -0.03 -26.82
N PHE B 107 -1.21 0.96 -26.15
CA PHE B 107 -1.53 2.40 -26.44
C PHE B 107 -0.46 3.08 -27.29
N LEU B 108 0.80 2.95 -26.89
CA LEU B 108 1.89 3.75 -27.45
C LEU B 108 2.36 3.37 -28.83
N ILE B 109 2.70 2.09 -29.01
CA ILE B 109 3.27 1.66 -30.28
C ILE B 109 2.27 1.81 -31.43
N PRO B 110 1.02 1.32 -31.27
CA PRO B 110 0.07 1.38 -32.39
C PRO B 110 -0.44 2.75 -32.80
N ASN B 111 -0.23 3.74 -31.94
CA ASN B 111 -0.67 5.10 -32.14
C ASN B 111 0.52 6.01 -32.45
N ALA B 112 1.72 5.44 -32.62
CA ALA B 112 2.90 6.20 -33.06
C ALA B 112 2.83 6.42 -34.55
N SER B 113 2.81 7.71 -34.94
CA SER B 113 2.61 8.10 -36.33
C SER B 113 3.90 8.42 -37.08
N GLN B 114 4.95 8.81 -36.36
CA GLN B 114 6.24 9.11 -36.96
C GLN B 114 7.26 7.97 -36.68
N ALA B 115 8.23 7.82 -37.55
CA ALA B 115 9.24 6.74 -37.38
C ALA B 115 10.15 6.95 -36.19
N GLU B 116 10.38 8.21 -35.79
CA GLU B 116 11.20 8.52 -34.62
C GLU B 116 10.61 7.93 -33.35
N SER B 117 9.29 8.05 -33.20
CA SER B 117 8.56 7.54 -32.05
C SER B 117 8.36 6.02 -32.09
N LYS B 118 8.08 5.46 -33.24
CA LYS B 118 7.92 4.00 -33.38
C LYS B 118 9.17 3.28 -32.93
N VAL B 119 10.33 3.86 -33.23
CA VAL B 119 11.63 3.27 -32.81
C VAL B 119 11.88 3.48 -31.32
N PHE B 120 11.48 4.65 -30.82
CA PHE B 120 11.67 4.95 -29.42
C PHE B 120 10.94 3.96 -28.52
N TYR B 121 9.70 3.67 -28.92
CA TYR B 121 8.82 2.80 -28.15
C TYR B 121 9.15 1.32 -28.30
N LEU B 122 9.48 0.89 -29.52
CA LEU B 122 9.95 -0.48 -29.78
C LEU B 122 11.26 -0.76 -29.07
N LYS B 123 12.15 0.25 -29.02
CA LYS B 123 13.40 0.11 -28.22
C LYS B 123 13.04 -0.19 -26.78
N MET B 124 12.14 0.66 -26.25
CA MET B 124 11.65 0.53 -24.86
C MET B 124 10.95 -0.82 -24.57
N LYS B 125 10.08 -1.23 -25.46
CA LYS B 125 9.55 -2.61 -25.49
C LYS B 125 10.66 -3.68 -25.25
N GLY B 126 11.73 -3.62 -26.03
CA GLY B 126 12.82 -4.58 -25.88
C GLY B 126 13.54 -4.40 -24.59
N ASP B 127 13.68 -3.13 -24.16
CA ASP B 127 14.36 -2.83 -22.88
C ASP B 127 13.64 -3.52 -21.77
N TYR B 128 12.32 -3.42 -21.73
CA TYR B 128 11.57 -3.92 -20.57
C TYR B 128 11.37 -5.44 -20.66
N TYR B 129 11.19 -5.99 -21.83
CA TYR B 129 11.35 -7.43 -21.99
C TYR B 129 12.73 -7.88 -21.51
N ARG B 130 13.76 -7.09 -21.79
CA ARG B 130 15.13 -7.45 -21.38
C ARG B 130 15.25 -7.51 -19.89
N TYR B 131 14.71 -6.50 -19.20
CA TYR B 131 14.70 -6.48 -17.75
C TYR B 131 13.99 -7.67 -17.17
N LEU B 132 12.90 -8.05 -17.81
CA LEU B 132 12.17 -9.25 -17.40
C LEU B 132 13.00 -10.53 -17.58
N ALA B 133 13.81 -10.57 -18.65
CA ALA B 133 14.72 -11.67 -18.89
C ALA B 133 15.88 -11.73 -17.91
N GLU B 134 16.30 -10.58 -17.35
CA GLU B 134 17.37 -10.56 -16.32
C GLU B 134 16.99 -11.30 -15.04
N VAL B 135 15.70 -11.50 -14.82
CA VAL B 135 15.15 -12.16 -13.61
C VAL B 135 14.25 -13.35 -13.94
N ALA B 136 14.10 -13.69 -15.21
CA ALA B 136 13.32 -14.86 -15.60
C ALA B 136 13.87 -16.16 -14.97
N ALA B 137 12.93 -17.02 -14.55
CA ALA B 137 13.21 -18.42 -14.19
C ALA B 137 13.32 -19.26 -15.46
N GLY B 138 13.90 -20.45 -15.34
CA GLY B 138 14.25 -21.29 -16.51
C GLY B 138 13.23 -21.37 -17.66
N ASP B 139 12.02 -21.86 -17.37
CA ASP B 139 11.03 -22.20 -18.38
C ASP B 139 10.41 -20.99 -19.10
N ASP B 140 10.25 -19.87 -18.40
CA ASP B 140 9.70 -18.64 -18.99
C ASP B 140 10.75 -17.81 -19.70
N LYS B 141 12.04 -18.08 -19.42
CA LYS B 141 13.13 -17.22 -19.95
C LYS B 141 13.16 -17.16 -21.45
N LYS B 142 13.25 -18.31 -22.09
CA LYS B 142 13.35 -18.35 -23.56
C LYS B 142 12.37 -17.39 -24.26
N GLY B 143 11.08 -17.49 -23.99
CA GLY B 143 10.08 -16.72 -24.74
C GLY B 143 10.14 -15.22 -24.49
N ILE B 144 10.55 -14.86 -23.28
CA ILE B 144 10.77 -13.46 -22.91
C ILE B 144 11.92 -12.83 -23.67
N VAL B 145 13.04 -13.57 -23.73
CA VAL B 145 14.20 -13.20 -24.55
C VAL B 145 13.82 -12.96 -26.00
N ASP B 146 12.96 -13.82 -26.53
CA ASP B 146 12.53 -13.70 -27.92
C ASP B 146 11.74 -12.41 -28.14
N GLN B 147 10.89 -12.09 -27.18
CA GLN B 147 10.05 -10.90 -27.23
C GLN B 147 10.94 -9.66 -27.25
N SER B 148 11.93 -9.64 -26.36
CA SER B 148 12.97 -8.59 -26.37
C SER B 148 13.58 -8.43 -27.77
N GLN B 149 14.18 -9.53 -28.27
CA GLN B 149 14.85 -9.53 -29.58
C GLN B 149 13.99 -9.05 -30.72
N GLN B 150 12.78 -9.56 -30.84
CA GLN B 150 11.89 -9.14 -31.95
C GLN B 150 11.61 -7.62 -31.90
N ALA B 151 11.42 -7.07 -30.70
CA ALA B 151 11.11 -5.68 -30.54
C ALA B 151 12.30 -4.83 -30.97
N TYR B 152 13.50 -5.30 -30.61
CA TYR B 152 14.71 -4.53 -30.86
C TYR B 152 14.99 -4.55 -32.36
N GLN B 153 14.97 -5.76 -32.91
CA GLN B 153 15.01 -6.02 -34.37
C GLN B 153 14.07 -5.09 -35.18
N GLU B 154 12.80 -5.10 -34.84
CA GLU B 154 11.84 -4.29 -35.57
C GLU B 154 12.13 -2.78 -35.42
N ALA B 155 12.70 -2.39 -34.27
CA ALA B 155 13.15 -1.02 -34.05
C ALA B 155 14.39 -0.72 -34.86
N PHE B 156 15.26 -1.73 -34.92
CA PHE B 156 16.58 -1.58 -35.53
C PHE B 156 16.42 -1.28 -36.99
N GLU B 157 15.55 -2.06 -37.64
CA GLU B 157 15.30 -1.96 -39.06
C GLU B 157 14.64 -0.65 -39.47
N ILE B 158 13.72 -0.16 -38.66
CA ILE B 158 13.02 1.09 -38.98
C ILE B 158 14.02 2.23 -38.92
N SER B 159 14.98 2.16 -37.97
CA SER B 159 15.97 3.22 -37.80
C SER B 159 17.00 3.25 -38.94
N LYS B 160 17.48 2.06 -39.34
CA LYS B 160 18.34 1.92 -40.51
C LYS B 160 17.73 2.49 -41.78
N LYS B 161 16.42 2.35 -41.99
CA LYS B 161 15.79 2.90 -43.19
C LYS B 161 15.42 4.39 -43.03
N GLU B 162 15.03 4.83 -41.83
CA GLU B 162 14.39 6.16 -41.65
C GLU B 162 15.16 7.20 -40.86
N MET B 163 16.30 6.83 -40.26
CA MET B 163 17.02 7.76 -39.39
C MET B 163 18.52 7.87 -39.72
N GLN B 164 19.09 9.01 -39.36
CA GLN B 164 20.54 9.25 -39.50
C GLN B 164 21.27 8.33 -38.51
N PRO B 165 22.47 7.82 -38.88
CA PRO B 165 23.20 6.96 -37.92
C PRO B 165 23.79 7.72 -36.73
N THR B 166 23.76 9.05 -36.78
CA THR B 166 24.21 9.92 -35.69
C THR B 166 23.08 10.26 -34.71
N HIS B 167 21.83 9.88 -35.05
CA HIS B 167 20.68 10.21 -34.22
C HIS B 167 20.72 9.45 -32.90
N PRO B 168 20.54 10.16 -31.78
CA PRO B 168 20.71 9.55 -30.47
C PRO B 168 19.85 8.31 -30.20
N ILE B 169 18.60 8.37 -30.63
CA ILE B 169 17.67 7.27 -30.47
C ILE B 169 18.11 6.05 -31.29
N ARG B 170 18.57 6.26 -32.52
CA ARG B 170 19.15 5.18 -33.29
C ARG B 170 20.37 4.59 -32.61
N LEU B 171 21.20 5.47 -32.04
CA LEU B 171 22.40 5.04 -31.35
C LEU B 171 22.08 4.37 -30.01
N GLY B 172 21.05 4.85 -29.32
CA GLY B 172 20.63 4.22 -28.06
C GLY B 172 20.06 2.84 -28.32
N LEU B 173 19.33 2.72 -29.41
CA LEU B 173 18.85 1.46 -29.85
C LEU B 173 19.97 0.44 -30.15
N ALA B 174 21.00 0.93 -30.86
CA ALA B 174 22.17 0.14 -31.23
C ALA B 174 22.93 -0.35 -30.01
N LEU B 175 23.04 0.55 -29.03
CA LEU B 175 23.74 0.26 -27.78
C LEU B 175 23.01 -0.78 -26.98
N ASN B 176 21.72 -0.52 -26.71
CA ASN B 176 20.90 -1.41 -25.90
C ASN B 176 20.74 -2.79 -26.61
N PHE B 177 20.58 -2.78 -27.92
CA PHE B 177 20.50 -4.01 -28.66
C PHE B 177 21.78 -4.86 -28.58
N SER B 178 22.94 -4.22 -28.60
CA SER B 178 24.22 -4.94 -28.48
C SER B 178 24.36 -5.54 -27.08
N VAL B 179 23.97 -4.76 -26.07
CA VAL B 179 23.99 -5.20 -24.68
C VAL B 179 23.04 -6.37 -24.45
N PHE B 180 21.94 -6.39 -25.19
CA PHE B 180 21.01 -7.52 -25.16
C PHE B 180 21.78 -8.78 -25.58
N TYR B 181 22.33 -8.76 -26.78
CA TYR B 181 23.15 -9.87 -27.32
C TYR B 181 24.25 -10.30 -26.36
N TYR B 182 24.93 -9.35 -25.75
CA TYR B 182 26.07 -9.66 -24.88
C TYR B 182 25.65 -10.24 -23.54
N GLU B 183 24.70 -9.60 -22.85
CA GLU B 183 24.31 -9.97 -21.48
C GLU B 183 23.23 -11.04 -21.39
N ILE B 184 22.40 -11.15 -22.42
CA ILE B 184 21.22 -12.00 -22.35
C ILE B 184 21.44 -13.27 -23.17
N LEU B 185 21.73 -13.09 -24.47
CA LEU B 185 22.06 -14.20 -25.36
C LEU B 185 23.49 -14.75 -25.22
N ASN B 186 24.34 -14.11 -24.43
CA ASN B 186 25.78 -14.47 -24.32
C ASN B 186 26.45 -14.69 -25.67
N SER B 187 26.31 -13.71 -26.56
CA SER B 187 26.81 -13.73 -27.93
C SER B 187 27.71 -12.50 -28.16
N PRO B 188 29.01 -12.59 -27.77
CA PRO B 188 29.90 -11.41 -27.88
C PRO B 188 30.26 -10.94 -29.28
N GLU B 189 30.24 -11.83 -30.27
CA GLU B 189 30.64 -11.49 -31.66
C GLU B 189 29.57 -10.66 -32.35
N LYS B 190 28.31 -11.03 -32.12
CA LYS B 190 27.17 -10.23 -32.59
C LYS B 190 27.12 -8.90 -31.83
N ALA B 191 27.44 -8.94 -30.54
CA ALA B 191 27.44 -7.75 -29.71
C ALA B 191 28.41 -6.69 -30.25
N CYS B 192 29.68 -7.06 -30.32
CA CYS B 192 30.77 -6.14 -30.70
C CYS B 192 30.56 -5.63 -32.11
N SER B 193 30.21 -6.57 -33.00
CA SER B 193 29.97 -6.20 -34.39
C SER B 193 28.88 -5.12 -34.51
N LEU B 194 27.82 -5.23 -33.71
CA LEU B 194 26.65 -4.35 -33.84
C LEU B 194 27.09 -2.97 -33.32
N ALA B 195 27.73 -2.99 -32.16
CA ALA B 195 28.29 -1.80 -31.55
C ALA B 195 29.26 -1.05 -32.47
N LYS B 196 30.28 -1.76 -32.99
CA LYS B 196 31.31 -1.13 -33.83
C LYS B 196 30.70 -0.55 -35.09
N THR B 197 29.96 -1.40 -35.83
CA THR B 197 29.27 -0.95 -37.04
C THR B 197 28.46 0.34 -36.80
N ALA B 198 27.70 0.38 -35.71
CA ALA B 198 26.86 1.55 -35.40
C ALA B 198 27.69 2.73 -34.88
N PHE B 199 28.77 2.42 -34.17
CA PHE B 199 29.77 3.44 -33.80
C PHE B 199 30.39 4.08 -35.06
N ASP B 200 31.09 3.26 -35.85
CA ASP B 200 31.80 3.67 -37.09
C ASP B 200 30.97 4.51 -38.04
N GLU B 201 29.71 4.12 -38.23
CA GLU B 201 28.81 4.86 -39.12
C GLU B 201 28.43 6.23 -38.56
N ALA B 202 28.40 6.36 -37.24
CA ALA B 202 28.14 7.64 -36.62
C ALA B 202 29.31 8.58 -36.83
N ILE B 203 30.53 8.15 -36.49
CA ILE B 203 31.72 9.02 -36.67
C ILE B 203 31.82 9.51 -38.12
N ALA B 204 31.55 8.63 -39.06
CA ALA B 204 31.54 8.99 -40.48
C ALA B 204 30.53 10.10 -40.89
N GLU B 205 29.65 10.56 -39.99
CA GLU B 205 28.84 11.76 -40.22
C GLU B 205 28.90 12.71 -39.04
N LEU B 206 30.00 12.69 -38.31
CA LEU B 206 30.14 13.48 -37.10
C LEU B 206 30.26 14.97 -37.46
N ASP B 207 30.74 15.23 -38.64
CA ASP B 207 30.74 16.60 -39.20
C ASP B 207 29.35 17.23 -39.09
N THR B 208 28.34 16.63 -39.72
CA THR B 208 26.99 17.20 -39.82
C THR B 208 26.18 16.86 -38.57
N LEU B 209 26.58 17.45 -37.43
CA LEU B 209 25.97 17.15 -36.16
C LEU B 209 25.35 18.41 -35.55
N SER B 210 24.05 18.35 -35.26
CA SER B 210 23.27 19.52 -34.81
C SER B 210 23.46 19.85 -33.32
N GLU B 211 23.28 21.09 -32.96
CA GLU B 211 23.42 21.47 -31.59
C GLU B 211 22.48 20.69 -30.71
N GLU B 212 21.22 20.65 -31.08
CA GLU B 212 20.16 20.04 -30.29
C GLU B 212 20.34 18.52 -30.07
N SER B 213 21.19 17.89 -30.87
CA SER B 213 21.31 16.43 -30.90
C SER B 213 22.77 15.99 -30.87
N TYR B 214 23.58 16.71 -30.10
CA TYR B 214 25.06 16.60 -30.13
C TYR B 214 25.58 15.98 -28.83
N LYS B 215 25.22 16.59 -27.70
CA LYS B 215 25.54 16.06 -26.37
C LYS B 215 25.06 14.61 -26.23
N ASP B 216 23.83 14.38 -26.71
CA ASP B 216 23.20 13.08 -26.59
C ASP B 216 23.84 12.02 -27.46
N SER B 217 24.16 12.37 -28.70
CA SER B 217 24.83 11.42 -29.64
C SER B 217 26.24 11.06 -29.19
N THR B 218 27.00 12.06 -28.80
CA THR B 218 28.37 11.88 -28.38
C THR B 218 28.44 10.92 -27.18
N LEU B 219 27.63 11.25 -26.17
CA LEU B 219 27.53 10.44 -24.95
C LEU B 219 27.32 8.96 -25.23
N ILE B 220 26.47 8.66 -26.20
CA ILE B 220 26.14 7.29 -26.52
C ILE B 220 27.29 6.61 -27.26
N MET B 221 27.91 7.38 -28.17
CA MET B 221 29.15 6.99 -28.83
C MET B 221 30.24 6.65 -27.84
N GLN B 222 30.40 7.47 -26.80
CA GLN B 222 31.33 7.16 -25.72
C GLN B 222 30.98 5.78 -25.11
N LEU B 223 29.71 5.61 -24.73
CA LEU B 223 29.24 4.38 -24.05
C LEU B 223 29.44 3.15 -24.93
N LEU B 224 29.07 3.30 -26.21
CA LEU B 224 29.36 2.33 -27.24
C LEU B 224 30.82 1.91 -27.24
N ARG B 225 31.70 2.86 -27.08
CA ARG B 225 33.08 2.55 -27.03
C ARG B 225 33.47 1.87 -25.75
N ASP B 226 33.22 2.49 -24.61
CA ASP B 226 33.55 1.84 -23.32
C ASP B 226 33.13 0.37 -23.27
N ASN B 227 31.98 0.09 -23.89
CA ASN B 227 31.42 -1.25 -23.93
C ASN B 227 32.33 -2.14 -24.75
N LEU B 228 32.58 -1.74 -26.01
CA LEU B 228 33.50 -2.44 -26.92
C LEU B 228 34.84 -2.77 -26.27
N THR B 229 35.42 -1.76 -25.63
CA THR B 229 36.63 -1.90 -24.82
C THR B 229 36.51 -3.02 -23.76
N LEU B 230 35.49 -2.93 -22.93
CA LEU B 230 35.23 -3.94 -21.87
C LEU B 230 35.06 -5.35 -22.45
N TRP B 231 34.34 -5.45 -23.57
CA TRP B 231 33.94 -6.72 -24.13
C TRP B 231 35.09 -7.45 -24.82
N THR B 232 35.98 -6.71 -25.48
CA THR B 232 37.26 -7.26 -25.98
C THR B 232 38.28 -7.29 -24.85
N SER C 2 4.14 -14.42 -25.70
CA SER C 2 4.65 -15.17 -24.57
C SER C 2 5.15 -14.23 -23.47
N HIS C 3 4.47 -13.11 -23.30
CA HIS C 3 4.83 -12.13 -22.29
C HIS C 3 4.37 -12.57 -20.91
N MET C 4 3.17 -13.15 -20.85
CA MET C 4 2.58 -13.63 -19.53
C MET C 4 1.33 -14.52 -19.86
N ASP C 5 0.62 -14.96 -18.83
CA ASP C 5 -0.28 -16.11 -18.92
C ASP C 5 -1.74 -15.79 -18.52
N LYS C 6 -2.62 -15.62 -19.49
CA LYS C 6 -4.02 -15.22 -19.24
C LYS C 6 -4.84 -16.27 -18.55
N ASN C 7 -4.69 -17.53 -18.95
CA ASN C 7 -5.43 -18.57 -18.30
C ASN C 7 -5.14 -18.68 -16.84
N GLU C 8 -3.91 -18.48 -16.42
CA GLU C 8 -3.59 -18.51 -14.97
C GLU C 8 -4.12 -17.32 -14.19
N LEU C 9 -4.23 -16.17 -14.85
CA LEU C 9 -4.81 -14.96 -14.21
C LEU C 9 -6.25 -15.26 -13.91
N VAL C 10 -6.96 -15.83 -14.88
CA VAL C 10 -8.39 -16.20 -14.70
C VAL C 10 -8.56 -17.19 -13.52
N GLN C 11 -7.83 -18.30 -13.52
CA GLN C 11 -7.88 -19.23 -12.38
C GLN C 11 -7.68 -18.47 -11.06
N LYS C 12 -6.70 -17.59 -11.03
CA LYS C 12 -6.38 -16.78 -9.84
C LYS C 12 -7.56 -15.79 -9.44
N ALA C 13 -8.24 -15.22 -10.42
CA ALA C 13 -9.50 -14.48 -10.18
C ALA C 13 -10.62 -15.29 -9.54
N LYS C 14 -10.73 -16.56 -9.95
CA LYS C 14 -11.76 -17.50 -9.41
C LYS C 14 -11.40 -17.88 -8.01
N LEU C 15 -10.12 -18.07 -7.80
CA LEU C 15 -9.63 -18.40 -6.46
C LEU C 15 -9.70 -17.19 -5.53
N ALA C 16 -9.35 -16.01 -6.03
CA ALA C 16 -9.55 -14.72 -5.26
C ALA C 16 -11.00 -14.62 -4.92
N GLU C 17 -11.90 -14.96 -5.85
CA GLU C 17 -13.35 -14.85 -5.59
C GLU C 17 -13.79 -15.71 -4.44
N GLN C 18 -13.45 -16.99 -4.54
CA GLN C 18 -13.80 -17.96 -3.49
C GLN C 18 -13.23 -17.53 -2.16
N ALA C 19 -12.00 -17.10 -2.15
CA ALA C 19 -11.38 -16.54 -0.92
C ALA C 19 -12.01 -15.20 -0.40
N GLU C 20 -12.92 -14.63 -1.18
CA GLU C 20 -13.60 -13.37 -0.88
C GLU C 20 -12.63 -12.23 -0.78
N ARG C 21 -11.74 -12.14 -1.78
CA ARG C 21 -10.70 -11.10 -1.91
C ARG C 21 -10.86 -10.40 -3.23
N TYR C 22 -11.68 -9.36 -3.21
CA TYR C 22 -12.24 -8.82 -4.43
C TYR C 22 -11.29 -7.86 -5.07
N ASP C 23 -10.46 -7.21 -4.28
CA ASP C 23 -9.34 -6.43 -4.84
C ASP C 23 -8.43 -7.41 -5.62
N ASP C 24 -7.77 -8.38 -4.97
CA ASP C 24 -7.00 -9.48 -5.74
C ASP C 24 -7.79 -9.93 -6.92
N MET C 25 -9.07 -10.19 -6.72
CA MET C 25 -9.89 -10.51 -7.89
C MET C 25 -9.91 -9.55 -9.00
N ALA C 26 -10.10 -8.27 -8.69
CA ALA C 26 -10.24 -7.25 -9.73
C ALA C 26 -8.95 -7.14 -10.45
N ALA C 27 -7.88 -7.03 -9.69
CA ALA C 27 -6.57 -6.88 -10.33
C ALA C 27 -6.30 -8.05 -11.32
N CYS C 28 -6.73 -9.31 -11.02
CA CYS C 28 -6.54 -10.39 -12.07
C CYS C 28 -7.37 -10.07 -13.23
N MET C 29 -8.64 -9.73 -13.04
CA MET C 29 -9.50 -9.50 -14.24
C MET C 29 -9.10 -8.27 -15.05
N LYS C 30 -8.49 -7.30 -14.37
CA LYS C 30 -7.92 -6.15 -15.09
C LYS C 30 -6.78 -6.59 -15.95
N SER C 31 -5.80 -7.21 -15.36
CA SER C 31 -4.75 -7.85 -16.16
C SER C 31 -5.28 -8.73 -17.31
N VAL C 32 -6.34 -9.49 -17.11
CA VAL C 32 -6.87 -10.36 -18.20
C VAL C 32 -7.47 -9.58 -19.36
N THR C 33 -8.36 -8.64 -19.04
CA THR C 33 -8.86 -7.65 -20.02
C THR C 33 -7.72 -6.96 -20.79
N GLU C 34 -6.61 -6.65 -20.17
CA GLU C 34 -5.46 -5.94 -20.87
C GLU C 34 -4.70 -6.78 -21.90
N GLN C 35 -4.76 -8.12 -21.80
CA GLN C 35 -4.24 -8.99 -22.88
C GLN C 35 -4.96 -8.78 -24.23
N GLY C 36 -6.10 -8.07 -24.24
CA GLY C 36 -6.69 -7.57 -25.49
C GLY C 36 -7.64 -8.47 -26.24
N ALA C 37 -7.77 -9.72 -25.78
CA ALA C 37 -8.68 -10.68 -26.40
C ALA C 37 -10.06 -10.49 -25.83
N GLU C 38 -11.08 -10.80 -26.62
CA GLU C 38 -12.48 -10.69 -26.20
C GLU C 38 -12.75 -11.68 -25.07
N LEU C 39 -13.64 -11.26 -24.15
CA LEU C 39 -13.83 -11.96 -22.91
C LEU C 39 -15.00 -12.89 -23.07
N SER C 40 -14.83 -14.12 -22.57
CA SER C 40 -15.88 -15.10 -22.62
C SER C 40 -16.90 -14.58 -21.67
N ASN C 41 -18.09 -15.19 -21.71
CA ASN C 41 -19.18 -14.89 -20.78
C ASN C 41 -18.80 -15.07 -19.31
N GLU C 42 -17.98 -16.07 -19.02
CA GLU C 42 -17.49 -16.31 -17.65
C GLU C 42 -16.61 -15.16 -17.22
N GLU C 43 -15.56 -14.88 -18.01
CA GLU C 43 -14.57 -13.84 -17.69
C GLU C 43 -15.17 -12.42 -17.61
N ARG C 44 -16.17 -12.17 -18.44
CA ARG C 44 -16.90 -10.93 -18.41
C ARG C 44 -17.61 -10.81 -17.07
N ASN C 45 -18.20 -11.90 -16.62
CA ASN C 45 -18.92 -11.89 -15.36
C ASN C 45 -17.98 -11.75 -14.18
N LEU C 46 -16.85 -12.46 -14.20
CA LEU C 46 -15.83 -12.28 -13.14
C LEU C 46 -15.38 -10.82 -13.08
N LEU C 47 -15.29 -10.15 -14.21
CA LEU C 47 -14.85 -8.76 -14.26
C LEU C 47 -15.85 -7.88 -13.54
N SER C 48 -17.11 -8.08 -13.88
CA SER C 48 -18.22 -7.29 -13.41
C SER C 48 -18.45 -7.50 -11.94
N VAL C 49 -18.38 -8.77 -11.49
CA VAL C 49 -18.67 -9.13 -10.10
C VAL C 49 -17.66 -8.51 -9.19
N ALA C 50 -16.43 -8.51 -9.67
CA ALA C 50 -15.29 -8.14 -8.84
C ALA C 50 -15.20 -6.60 -8.79
N TYR C 51 -15.33 -5.93 -9.88
CA TYR C 51 -15.41 -4.48 -9.78
C TYR C 51 -16.68 -4.01 -9.09
N LYS C 52 -17.74 -4.80 -9.14
CA LYS C 52 -18.98 -4.47 -8.41
C LYS C 52 -18.79 -4.50 -6.91
N ASN C 53 -18.17 -5.58 -6.41
CA ASN C 53 -17.87 -5.72 -5.01
C ASN C 53 -16.91 -4.64 -4.52
N VAL C 54 -15.87 -4.42 -5.30
CA VAL C 54 -14.76 -3.50 -4.97
C VAL C 54 -15.21 -2.03 -4.93
N VAL C 55 -15.98 -1.57 -5.92
CA VAL C 55 -16.48 -0.19 -5.90
C VAL C 55 -17.60 -0.06 -4.89
N GLY C 56 -18.45 -1.09 -4.80
CA GLY C 56 -19.64 -1.12 -3.91
C GLY C 56 -19.36 -0.94 -2.45
N ALA C 57 -18.21 -1.41 -2.00
CA ALA C 57 -17.72 -1.14 -0.65
C ALA C 57 -17.34 0.32 -0.41
N ARG C 58 -16.75 0.96 -1.41
CA ARG C 58 -16.32 2.35 -1.33
C ARG C 58 -17.52 3.31 -1.40
N ARG C 59 -18.48 3.04 -2.28
CA ARG C 59 -19.78 3.73 -2.34
C ARG C 59 -20.54 3.67 -1.06
N SER C 60 -20.76 2.45 -0.60
CA SER C 60 -21.40 2.22 0.70
C SER C 60 -20.79 3.04 1.84
N SER C 61 -19.49 3.07 1.81
CA SER C 61 -18.65 3.75 2.80
C SER C 61 -18.65 5.26 2.64
N TRP C 62 -18.73 5.68 1.42
CA TRP C 62 -18.76 7.03 1.06
C TRP C 62 -20.03 7.62 1.65
N ARG C 63 -21.17 6.93 1.47
CA ARG C 63 -22.47 7.38 2.00
C ARG C 63 -22.43 7.60 3.50
N VAL C 64 -22.06 6.53 4.24
CA VAL C 64 -22.01 6.54 5.70
C VAL C 64 -21.22 7.71 6.26
N VAL C 65 -20.08 7.96 5.62
CA VAL C 65 -19.16 9.02 6.02
C VAL C 65 -19.63 10.40 5.51
N SER C 66 -20.31 10.42 4.37
CA SER C 66 -20.87 11.68 3.80
C SER C 66 -22.06 12.18 4.60
N SER C 67 -22.88 11.27 5.11
CA SER C 67 -24.03 11.63 5.94
C SER C 67 -23.55 12.16 7.30
N ILE C 68 -22.56 11.48 7.88
CA ILE C 68 -21.92 11.95 9.12
C ILE C 68 -21.24 13.34 8.94
N GLU C 69 -20.71 13.62 7.76
CA GLU C 69 -20.15 14.93 7.43
C GLU C 69 -21.20 16.06 7.49
N GLN C 70 -22.38 15.79 6.92
CA GLN C 70 -23.47 16.78 6.86
C GLN C 70 -24.15 16.94 8.21
N LYS C 71 -24.42 15.83 8.91
CA LYS C 71 -24.98 15.84 10.27
C LYS C 71 -24.06 16.48 11.34
N THR C 72 -22.88 16.97 10.94
CA THR C 72 -22.03 17.81 11.80
C THR C 72 -21.59 19.05 10.99
N GLU C 73 -22.40 19.41 9.98
CA GLU C 73 -21.96 20.29 8.87
C GLU C 73 -21.71 21.76 9.27
N LYS C 77 -13.73 21.79 12.01
CA LYS C 77 -13.53 21.24 13.37
C LYS C 77 -13.55 19.68 13.45
N LYS C 78 -14.57 19.11 14.10
CA LYS C 78 -14.88 17.67 13.97
C LYS C 78 -15.30 17.29 12.54
N GLN C 79 -15.90 18.26 11.84
CA GLN C 79 -16.31 18.17 10.45
C GLN C 79 -15.15 18.02 9.47
N GLN C 80 -14.01 18.70 9.74
CA GLN C 80 -12.78 18.51 9.00
C GLN C 80 -12.31 17.03 8.97
N MET C 81 -12.42 16.31 10.09
CA MET C 81 -12.03 14.92 10.15
C MET C 81 -12.80 14.06 9.15
N ALA C 82 -14.12 14.16 9.26
CA ALA C 82 -15.06 13.51 8.36
C ALA C 82 -14.87 13.91 6.91
N ARG C 83 -14.60 15.19 6.67
CA ARG C 83 -14.34 15.69 5.32
C ARG C 83 -13.12 15.05 4.73
N GLU C 84 -12.03 15.01 5.47
CA GLU C 84 -10.77 14.42 4.99
C GLU C 84 -10.93 12.91 4.76
N TYR C 85 -11.65 12.23 5.66
CA TYR C 85 -11.90 10.82 5.52
C TYR C 85 -12.83 10.57 4.35
N ARG C 86 -13.74 11.50 4.08
CA ARG C 86 -14.60 11.33 2.92
C ARG C 86 -13.74 11.35 1.71
N GLU C 87 -12.80 12.29 1.67
CA GLU C 87 -12.05 12.57 0.44
C GLU C 87 -11.12 11.42 0.15
N LYS C 88 -10.49 10.85 1.18
CA LYS C 88 -9.71 9.57 1.04
C LYS C 88 -10.55 8.59 0.32
N ILE C 89 -11.76 8.33 0.84
CA ILE C 89 -12.68 7.35 0.25
C ILE C 89 -13.05 7.65 -1.18
N GLU C 90 -13.30 8.90 -1.51
CA GLU C 90 -13.62 9.27 -2.89
C GLU C 90 -12.47 8.86 -3.81
N THR C 91 -11.27 9.38 -3.53
CA THR C 91 -10.09 9.07 -4.31
C THR C 91 -9.99 7.53 -4.58
N GLU C 92 -10.13 6.70 -3.57
CA GLU C 92 -10.11 5.27 -3.85
C GLU C 92 -11.21 4.88 -4.84
N LEU C 93 -12.36 5.53 -4.69
CA LEU C 93 -13.56 5.24 -5.52
C LEU C 93 -13.33 5.61 -6.94
N ARG C 94 -12.94 6.86 -7.16
CA ARG C 94 -12.55 7.41 -8.49
C ARG C 94 -11.47 6.59 -9.18
N ASP C 95 -10.48 6.10 -8.45
CA ASP C 95 -9.42 5.28 -9.09
C ASP C 95 -10.00 3.98 -9.61
N ILE C 96 -10.86 3.35 -8.85
CA ILE C 96 -11.58 2.17 -9.33
C ILE C 96 -12.38 2.49 -10.59
N CYS C 97 -13.29 3.46 -10.53
CA CYS C 97 -14.08 3.89 -11.72
C CYS C 97 -13.24 4.18 -12.90
N ASN C 98 -12.13 4.87 -12.67
CA ASN C 98 -11.22 5.21 -13.76
C ASN C 98 -10.60 3.94 -14.41
N ASP C 99 -10.26 2.91 -13.62
CA ASP C 99 -9.58 1.68 -14.15
C ASP C 99 -10.57 0.99 -15.01
N VAL C 100 -11.80 0.83 -14.50
CA VAL C 100 -12.87 0.17 -15.26
C VAL C 100 -13.21 0.92 -16.51
N LEU C 101 -13.53 2.22 -16.41
CA LEU C 101 -13.91 3.00 -17.61
C LEU C 101 -12.86 2.89 -18.67
N SER C 102 -11.61 2.90 -18.28
CA SER C 102 -10.51 2.69 -19.24
C SER C 102 -10.58 1.30 -19.88
N LEU C 103 -10.80 0.24 -19.12
CA LEU C 103 -10.90 -1.11 -19.75
C LEU C 103 -12.06 -1.09 -20.71
N LEU C 104 -13.11 -0.41 -20.29
CA LEU C 104 -14.33 -0.39 -21.12
C LEU C 104 -14.11 0.26 -22.43
N GLU C 105 -13.61 1.49 -22.36
CA GLU C 105 -13.48 2.35 -23.55
C GLU C 105 -12.33 1.92 -24.42
N LYS C 106 -11.22 1.59 -23.78
CA LYS C 106 -10.02 1.16 -24.53
C LYS C 106 -10.10 -0.25 -25.03
N PHE C 107 -10.37 -1.24 -24.17
CA PHE C 107 -10.22 -2.68 -24.57
C PHE C 107 -11.56 -3.36 -24.89
N LEU C 108 -12.54 -3.21 -23.99
CA LEU C 108 -13.76 -4.02 -24.04
C LEU C 108 -14.78 -3.63 -25.07
N ILE C 109 -15.16 -2.35 -25.09
CA ILE C 109 -16.22 -1.90 -26.00
C ILE C 109 -15.80 -2.04 -27.46
N PRO C 110 -14.59 -1.57 -27.84
CA PRO C 110 -14.21 -1.64 -29.26
C PRO C 110 -13.94 -3.03 -29.84
N ASN C 111 -13.76 -4.01 -28.97
CA ASN C 111 -13.47 -5.37 -29.33
C ASN C 111 -14.71 -6.26 -29.11
N ALA C 112 -15.85 -5.68 -28.74
CA ALA C 112 -17.12 -6.43 -28.61
C ALA C 112 -17.72 -6.62 -29.98
N SER C 113 -17.90 -7.88 -30.36
CA SER C 113 -18.32 -8.25 -31.71
C SER C 113 -19.81 -8.56 -31.81
N GLN C 114 -20.45 -8.95 -30.71
CA GLN C 114 -21.88 -9.26 -30.69
C GLN C 114 -22.65 -8.15 -29.95
N ALA C 115 -23.93 -7.99 -30.30
CA ALA C 115 -24.77 -6.95 -29.68
C ALA C 115 -25.05 -7.17 -28.21
N GLU C 116 -25.06 -8.44 -27.77
CA GLU C 116 -25.29 -8.77 -26.36
C GLU C 116 -24.19 -8.18 -25.47
N SER C 117 -22.95 -8.29 -25.93
CA SER C 117 -21.79 -7.79 -25.19
C SER C 117 -21.63 -6.25 -25.31
N LYS C 118 -21.88 -5.69 -26.48
CA LYS C 118 -21.81 -4.24 -26.65
C LYS C 118 -22.75 -3.53 -25.69
N VAL C 119 -23.92 -4.10 -25.46
CA VAL C 119 -24.90 -3.53 -24.50
C VAL C 119 -24.46 -3.75 -23.04
N PHE C 120 -23.87 -4.91 -22.79
CA PHE C 120 -23.39 -5.22 -21.46
C PHE C 120 -22.36 -4.23 -20.98
N TYR C 121 -21.45 -3.90 -21.88
CA TYR C 121 -20.31 -3.04 -21.58
C TYR C 121 -20.68 -1.56 -21.56
N LEU C 122 -21.54 -1.13 -22.51
CA LEU C 122 -22.09 0.22 -22.51
C LEU C 122 -22.94 0.47 -21.28
N LYS C 123 -23.71 -0.54 -20.85
CA LYS C 123 -24.46 -0.42 -19.58
C LYS C 123 -23.51 -0.12 -18.46
N MET C 124 -22.44 -0.94 -18.39
CA MET C 124 -21.37 -0.81 -17.38
C MET C 124 -20.64 0.55 -17.43
N LYS C 125 -20.27 0.98 -18.60
CA LYS C 125 -19.83 2.35 -18.87
C LYS C 125 -20.70 3.40 -18.16
N GLY C 126 -22.02 3.34 -18.37
CA GLY C 126 -22.94 4.28 -17.75
C GLY C 126 -22.98 4.10 -16.27
N ASP C 127 -22.90 2.83 -15.84
CA ASP C 127 -22.92 2.53 -14.38
C ASP C 127 -21.79 3.25 -13.70
N TYR C 128 -20.59 3.15 -14.27
CA TYR C 128 -19.41 3.65 -13.58
C TYR C 128 -19.29 5.17 -13.74
N TYR C 129 -19.65 5.73 -14.87
CA TYR C 129 -19.86 7.16 -14.94
C TYR C 129 -20.88 7.61 -13.90
N ARG C 130 -21.92 6.81 -13.68
CA ARG C 130 -22.94 7.18 -12.70
C ARG C 130 -22.38 7.25 -11.30
N TYR C 131 -21.58 6.25 -10.94
CA TYR C 131 -20.91 6.24 -9.65
C TYR C 131 -20.01 7.45 -9.47
N LEU C 132 -19.33 7.82 -10.54
CA LEU C 132 -18.51 9.02 -10.55
C LEU C 132 -19.33 10.30 -10.33
N ALA C 133 -20.54 10.34 -10.90
CA ALA C 133 -21.46 11.44 -10.71
C ALA C 133 -22.03 11.51 -9.30
N GLU C 134 -22.15 10.37 -8.60
CA GLU C 134 -22.61 10.38 -7.18
C GLU C 134 -21.66 11.13 -6.24
N VAL C 135 -20.42 11.36 -6.66
CA VAL C 135 -19.38 12.04 -5.86
C VAL C 135 -18.77 13.25 -6.62
N ALA C 136 -19.24 13.55 -7.83
CA ALA C 136 -18.79 14.73 -8.53
C ALA C 136 -19.06 16.03 -7.72
N ALA C 137 -18.09 16.94 -7.76
CA ALA C 137 -18.22 18.32 -7.30
C ALA C 137 -18.87 19.14 -8.43
N GLY C 138 -19.35 20.34 -8.08
CA GLY C 138 -20.13 21.21 -8.97
C GLY C 138 -19.76 21.24 -10.45
N ASP C 139 -18.59 21.76 -10.77
CA ASP C 139 -18.23 22.10 -12.17
C ASP C 139 -17.98 20.87 -13.06
N ASP C 140 -17.45 19.79 -12.48
CA ASP C 140 -17.19 18.54 -13.22
C ASP C 140 -18.44 17.67 -13.34
N LYS C 141 -19.46 17.91 -12.51
CA LYS C 141 -20.64 17.02 -12.47
C LYS C 141 -21.36 16.94 -13.77
N LYS C 142 -21.76 18.09 -14.32
CA LYS C 142 -22.50 18.11 -15.59
C LYS C 142 -21.92 17.14 -16.63
N GLY C 143 -20.65 17.28 -16.98
CA GLY C 143 -20.04 16.50 -18.08
C GLY C 143 -20.00 14.98 -17.81
N ILE C 144 -19.83 14.63 -16.54
CA ILE C 144 -19.81 13.24 -16.11
C ILE C 144 -21.18 12.59 -16.25
N VAL C 145 -22.21 13.32 -15.79
CA VAL C 145 -23.60 12.91 -15.98
C VAL C 145 -23.93 12.66 -17.43
N ASP C 146 -23.44 13.51 -18.32
CA ASP C 146 -23.69 13.35 -19.75
C ASP C 146 -23.02 12.12 -20.31
N GLN C 147 -21.84 11.80 -19.82
CA GLN C 147 -21.08 10.61 -20.26
C GLN C 147 -21.89 9.37 -19.84
N SER C 148 -22.36 9.35 -18.59
CA SER C 148 -23.29 8.29 -18.13
C SER C 148 -24.47 8.12 -19.10
N GLN C 149 -25.24 9.21 -19.27
CA GLN C 149 -26.45 9.20 -20.10
C GLN C 149 -26.20 8.73 -21.51
N GLN C 150 -25.17 9.24 -22.17
CA GLN C 150 -24.89 8.82 -23.56
C GLN C 150 -24.61 7.32 -23.67
N ALA C 151 -23.89 6.78 -22.69
CA ALA C 151 -23.53 5.39 -22.68
C ALA C 151 -24.77 4.54 -22.53
N TYR C 152 -25.67 4.99 -21.67
CA TYR C 152 -26.87 4.20 -21.33
C TYR C 152 -27.81 4.23 -22.52
N GLN C 153 -28.05 5.44 -23.01
CA GLN C 153 -28.76 5.69 -24.30
C GLN C 153 -28.27 4.78 -25.44
N GLU C 154 -26.99 4.79 -25.72
CA GLU C 154 -26.47 3.99 -26.81
C GLU C 154 -26.63 2.47 -26.54
N ALA C 155 -26.62 2.10 -25.27
CA ALA C 155 -26.91 0.72 -24.85
C ALA C 155 -28.37 0.40 -25.00
N PHE C 156 -29.19 1.40 -24.67
CA PHE C 156 -30.64 1.25 -24.63
C PHE C 156 -31.17 0.95 -25.97
N GLU C 157 -30.68 1.73 -26.96
CA GLU C 157 -31.13 1.64 -28.34
C GLU C 157 -30.70 0.34 -29.00
N ILE C 158 -29.49 -0.14 -28.69
CA ILE C 158 -29.03 -1.38 -29.29
C ILE C 158 -29.88 -2.53 -28.77
N SER C 159 -30.29 -2.47 -27.51
CA SER C 159 -31.11 -3.54 -26.90
C SER C 159 -32.53 -3.58 -27.44
N LYS C 160 -33.14 -2.39 -27.59
CA LYS C 160 -34.45 -2.26 -28.24
C LYS C 160 -34.47 -2.83 -29.67
N LYS C 161 -33.40 -2.67 -30.43
CA LYS C 161 -33.37 -3.25 -31.80
C LYS C 161 -32.94 -4.73 -31.82
N GLU C 162 -32.05 -5.16 -30.92
CA GLU C 162 -31.36 -6.48 -31.05
C GLU C 162 -31.71 -7.53 -29.99
N MET C 163 -32.46 -7.15 -28.95
CA MET C 163 -32.71 -8.07 -27.83
C MET C 163 -34.19 -8.20 -27.44
N GLN C 164 -34.53 -9.33 -26.85
CA GLN C 164 -35.89 -9.58 -26.34
C GLN C 164 -36.11 -8.67 -25.12
N PRO C 165 -37.34 -8.18 -24.90
CA PRO C 165 -37.57 -7.32 -23.72
C PRO C 165 -37.53 -8.05 -22.39
N THR C 166 -37.52 -9.40 -22.44
CA THR C 166 -37.39 -10.27 -21.28
C THR C 166 -35.96 -10.62 -20.94
N HIS C 167 -35.03 -10.25 -21.81
CA HIS C 167 -33.60 -10.58 -21.65
C HIS C 167 -33.04 -9.82 -20.45
N PRO C 168 -32.34 -10.54 -19.55
CA PRO C 168 -31.90 -9.95 -18.28
C PRO C 168 -31.03 -8.70 -18.43
N ILE C 169 -30.13 -8.73 -19.40
CA ILE C 169 -29.22 -7.63 -19.67
C ILE C 169 -29.99 -6.39 -20.15
N ARG C 170 -30.96 -6.59 -21.05
CA ARG C 170 -31.84 -5.50 -21.44
C ARG C 170 -32.63 -4.95 -20.27
N LEU C 171 -33.07 -5.84 -19.40
CA LEU C 171 -33.82 -5.44 -18.22
C LEU C 171 -32.95 -4.77 -17.16
N GLY C 172 -31.71 -5.25 -17.03
CA GLY C 172 -30.75 -4.60 -16.10
C GLY C 172 -30.39 -3.22 -16.59
N LEU C 173 -30.24 -3.10 -17.89
CA LEU C 173 -30.02 -1.82 -18.50
C LEU C 173 -31.17 -0.81 -18.25
N ALA C 174 -32.40 -1.31 -18.41
CA ALA C 174 -33.62 -0.54 -18.21
C ALA C 174 -33.75 -0.06 -16.79
N LEU C 175 -33.39 -0.95 -15.86
CA LEU C 175 -33.45 -0.66 -14.44
C LEU C 175 -32.43 0.37 -14.04
N ASN C 176 -31.17 0.12 -14.39
CA ASN C 176 -30.08 1.05 -14.07
C ASN C 176 -30.27 2.41 -14.75
N PHE C 177 -30.73 2.39 -16.00
CA PHE C 177 -31.00 3.64 -16.69
C PHE C 177 -32.11 4.47 -16.03
N SER C 178 -33.15 3.81 -15.50
CA SER C 178 -34.22 4.52 -14.81
C SER C 178 -33.71 5.12 -13.51
N VAL C 179 -32.90 4.34 -12.79
CA VAL C 179 -32.28 4.79 -11.53
C VAL C 179 -31.34 5.96 -11.76
N PHE C 180 -30.69 5.99 -12.94
CA PHE C 180 -29.88 7.14 -13.33
C PHE C 180 -30.76 8.38 -13.34
N TYR C 181 -31.81 8.35 -14.16
CA TYR C 181 -32.81 9.46 -14.26
C TYR C 181 -33.34 9.87 -12.90
N TYR C 182 -33.65 8.91 -12.05
CA TYR C 182 -34.26 9.21 -10.74
C TYR C 182 -33.27 9.80 -9.75
N GLU C 183 -32.11 9.15 -9.57
CA GLU C 183 -31.12 9.52 -8.52
C GLU C 183 -30.14 10.59 -8.94
N ILE C 184 -29.89 10.74 -10.24
CA ILE C 184 -28.84 11.62 -10.72
C ILE C 184 -29.44 12.90 -11.31
N LEU C 185 -30.29 12.71 -12.33
CA LEU C 185 -30.99 13.82 -12.95
C LEU C 185 -32.22 14.34 -12.16
N ASN C 186 -32.60 13.68 -11.07
CA ASN C 186 -33.84 14.02 -10.34
C ASN C 186 -35.06 14.23 -11.23
N SER C 187 -35.31 13.24 -12.10
CA SER C 187 -36.39 13.24 -13.08
C SER C 187 -37.27 12.00 -12.89
N PRO C 188 -38.25 12.07 -11.95
CA PRO C 188 -39.08 10.88 -11.65
C PRO C 188 -40.04 10.42 -12.74
N GLU C 189 -40.48 11.32 -13.63
CA GLU C 189 -41.48 10.97 -14.67
C GLU C 189 -40.83 10.14 -15.79
N LYS C 190 -39.62 10.54 -16.17
CA LYS C 190 -38.82 9.75 -17.10
C LYS C 190 -38.41 8.42 -16.46
N ALA C 191 -38.09 8.47 -15.17
CA ALA C 191 -37.69 7.28 -14.44
C ALA C 191 -38.76 6.20 -14.48
N CYS C 192 -39.94 6.55 -13.95
CA CYS C 192 -41.05 5.59 -13.80
C CYS C 192 -41.50 5.09 -15.14
N SER C 193 -41.64 6.02 -16.09
CA SER C 193 -42.06 5.63 -17.44
C SER C 193 -41.11 4.60 -18.08
N LEU C 194 -39.80 4.73 -17.82
CA LEU C 194 -38.79 3.87 -18.47
C LEU C 194 -38.91 2.49 -17.83
N ALA C 195 -38.95 2.50 -16.51
CA ALA C 195 -39.18 1.29 -15.71
C ALA C 195 -40.46 0.54 -16.10
N LYS C 196 -41.60 1.24 -16.09
CA LYS C 196 -42.90 0.63 -16.38
C LYS C 196 -42.93 0.05 -17.78
N THR C 197 -42.61 0.88 -18.77
CA THR C 197 -42.53 0.44 -20.16
C THR C 197 -41.71 -0.85 -20.30
N ALA C 198 -40.54 -0.89 -19.66
CA ALA C 198 -39.65 -2.06 -19.76
C ALA C 198 -40.16 -3.23 -18.92
N PHE C 199 -40.81 -2.93 -17.79
CA PHE C 199 -41.54 -3.93 -17.01
C PHE C 199 -42.65 -4.59 -17.86
N ASP C 200 -43.63 -3.76 -18.25
CA ASP C 200 -44.82 -4.19 -19.01
C ASP C 200 -44.51 -5.06 -20.24
N GLU C 201 -43.48 -4.67 -20.98
CA GLU C 201 -43.11 -5.41 -22.19
C GLU C 201 -42.49 -6.76 -21.86
N ALA C 202 -41.84 -6.88 -20.70
CA ALA C 202 -41.30 -8.15 -20.26
C ALA C 202 -42.41 -9.11 -19.90
N ILE C 203 -43.34 -8.67 -19.03
CA ILE C 203 -44.47 -9.55 -18.61
C ILE C 203 -45.23 -10.07 -19.82
N ALA C 204 -45.45 -9.21 -20.81
CA ALA C 204 -46.07 -9.62 -22.07
C ALA C 204 -45.34 -10.75 -22.86
N GLU C 205 -44.18 -11.21 -22.43
CA GLU C 205 -43.71 -12.59 -22.85
C GLU C 205 -43.61 -13.78 -21.82
N LEU C 206 -43.95 -14.94 -22.37
CA LEU C 206 -43.71 -16.29 -21.77
C LEU C 206 -44.41 -17.35 -22.66
N SER C 213 -31.40 -16.90 -17.07
CA SER C 213 -32.31 -16.57 -18.16
C SER C 213 -33.70 -16.27 -17.64
N TYR C 214 -34.13 -17.06 -16.66
CA TYR C 214 -35.48 -16.99 -16.06
C TYR C 214 -35.40 -16.42 -14.64
N LYS C 215 -34.59 -17.05 -13.79
CA LYS C 215 -34.29 -16.52 -12.44
C LYS C 215 -33.80 -15.07 -12.51
N ASP C 216 -32.92 -14.82 -13.48
CA ASP C 216 -32.30 -13.51 -13.67
C ASP C 216 -33.28 -12.45 -14.15
N SER C 217 -34.13 -12.80 -15.11
CA SER C 217 -35.15 -11.85 -15.63
C SER C 217 -36.21 -11.51 -14.57
N THR C 218 -36.69 -12.53 -13.89
CA THR C 218 -37.71 -12.36 -12.87
C THR C 218 -37.24 -11.40 -11.77
N LEU C 219 -36.04 -11.71 -11.25
CA LEU C 219 -35.39 -10.92 -10.21
C LEU C 219 -35.36 -9.43 -10.55
N ILE C 220 -35.05 -9.13 -11.80
CA ILE C 220 -34.91 -7.75 -12.23
C ILE C 220 -36.30 -7.09 -12.36
N MET C 221 -37.25 -7.86 -12.89
CA MET C 221 -38.66 -7.50 -12.91
C MET C 221 -39.19 -7.17 -11.53
N GLN C 222 -38.83 -7.98 -10.53
CA GLN C 222 -39.18 -7.68 -9.14
C GLN C 222 -38.62 -6.31 -8.76
N LEU C 223 -37.30 -6.11 -9.00
CA LEU C 223 -36.60 -4.87 -8.62
C LEU C 223 -37.19 -3.65 -9.29
N LEU C 224 -37.44 -3.80 -10.60
CA LEU C 224 -38.17 -2.83 -11.39
C LEU C 224 -39.48 -2.43 -10.73
N ARG C 225 -40.24 -3.44 -10.28
CA ARG C 225 -41.47 -3.22 -9.55
C ARG C 225 -41.28 -2.49 -8.20
N ASP C 226 -40.44 -3.03 -7.30
CA ASP C 226 -40.14 -2.38 -5.99
C ASP C 226 -39.77 -0.91 -6.12
N ASN C 227 -39.02 -0.63 -7.20
CA ASN C 227 -38.54 0.72 -7.50
C ASN C 227 -39.71 1.61 -7.80
N LEU C 228 -40.50 1.21 -8.81
CA LEU C 228 -41.75 1.90 -9.21
C LEU C 228 -42.66 2.22 -8.04
N THR C 229 -42.88 1.20 -7.21
CA THR C 229 -43.61 1.34 -5.94
C THR C 229 -43.03 2.46 -5.06
N LEU C 230 -41.74 2.39 -4.77
CA LEU C 230 -41.06 3.39 -3.94
C LEU C 230 -41.17 4.80 -4.53
N TRP C 231 -41.02 4.90 -5.86
CA TRP C 231 -40.92 6.18 -6.52
C TRP C 231 -42.27 6.90 -6.65
N THR C 232 -43.35 6.14 -6.87
CA THR C 232 -44.71 6.67 -6.79
C THR C 232 -45.16 6.70 -5.33
N SER C 233 -44.98 7.85 -4.67
CA SER C 233 -45.30 7.99 -3.24
C SER C 233 -45.44 9.43 -2.79
N SER D 2 3.27 14.47 23.02
CA SER D 2 2.06 15.15 23.14
C SER D 2 1.92 15.82 21.89
N HIS D 3 1.85 15.06 20.89
CA HIS D 3 1.74 15.60 19.60
C HIS D 3 0.62 15.08 18.83
N MET D 4 -0.19 14.25 19.45
CA MET D 4 -1.33 13.64 18.85
C MET D 4 -2.55 13.97 19.61
N ASP D 5 -3.66 13.66 19.01
CA ASP D 5 -5.00 13.86 19.53
C ASP D 5 -5.77 12.53 19.73
N LYS D 6 -5.87 12.04 20.96
CA LYS D 6 -6.43 10.71 21.22
C LYS D 6 -7.94 10.69 21.04
N ASN D 7 -8.62 11.76 21.49
CA ASN D 7 -10.02 11.80 21.29
C ASN D 7 -10.45 11.77 19.86
N GLU D 8 -9.70 12.43 18.99
CA GLU D 8 -10.05 12.38 17.54
C GLU D 8 -9.74 11.05 16.89
N LEU D 9 -8.73 10.32 17.40
CA LEU D 9 -8.44 8.96 16.90
C LEU D 9 -9.61 8.08 17.17
N VAL D 10 -10.12 8.15 18.40
CA VAL D 10 -11.31 7.35 18.82
C VAL D 10 -12.52 7.63 17.93
N GLN D 11 -12.90 8.91 17.81
CA GLN D 11 -13.99 9.28 16.88
C GLN D 11 -13.76 8.66 15.50
N LYS D 12 -12.56 8.78 15.01
CA LYS D 12 -12.19 8.27 13.67
C LYS D 12 -12.26 6.69 13.58
N ALA D 13 -11.91 5.98 14.67
CA ALA D 13 -12.21 4.55 14.80
C ALA D 13 -13.66 4.16 14.70
N LYS D 14 -14.53 5.00 15.30
CA LYS D 14 -16.00 4.80 15.26
C LYS D 14 -16.53 5.07 13.91
N LEU D 15 -15.98 6.06 13.27
CA LEU D 15 -16.37 6.40 11.92
C LEU D 15 -15.86 5.37 10.91
N ALA D 16 -14.61 4.93 11.09
CA ALA D 16 -14.07 3.78 10.29
C ALA D 16 -14.96 2.60 10.49
N GLU D 17 -15.43 2.36 11.71
CA GLU D 17 -16.30 1.19 11.99
C GLU D 17 -17.56 1.23 11.22
N GLN D 18 -18.27 2.34 11.36
CA GLN D 18 -19.55 2.54 10.64
C GLN D 18 -19.34 2.39 9.18
N ALA D 19 -18.29 3.00 8.63
CA ALA D 19 -17.95 2.82 7.21
C ALA D 19 -17.52 1.39 6.79
N GLU D 20 -17.39 0.49 7.75
CA GLU D 20 -16.98 -0.88 7.55
C GLU D 20 -15.59 -0.98 6.97
N ARG D 21 -14.67 -0.18 7.54
CA ARG D 21 -13.26 -0.11 7.12
C ARG D 21 -12.40 -0.42 8.32
N TYR D 22 -12.15 -1.72 8.49
CA TYR D 22 -11.67 -2.24 9.75
C TYR D 22 -10.17 -2.08 9.83
N ASP D 23 -9.53 -2.16 8.66
CA ASP D 23 -8.09 -1.96 8.56
C ASP D 23 -7.81 -0.52 8.99
N ASP D 24 -8.65 0.40 8.52
CA ASP D 24 -8.53 1.80 8.89
C ASP D 24 -8.75 1.82 10.39
N MET D 25 -9.95 1.39 10.80
CA MET D 25 -10.26 1.26 12.24
C MET D 25 -9.19 0.81 13.14
N ALA D 26 -8.48 -0.25 12.75
CA ALA D 26 -7.45 -0.84 13.62
C ALA D 26 -6.36 0.15 13.76
N ALA D 27 -5.93 0.71 12.65
CA ALA D 27 -4.84 1.69 12.73
C ALA D 27 -5.17 2.83 13.75
N CYS D 28 -6.44 3.30 13.83
CA CYS D 28 -6.74 4.34 14.86
C CYS D 28 -6.53 3.73 16.22
N MET D 29 -7.10 2.55 16.43
CA MET D 29 -7.00 1.98 17.80
C MET D 29 -5.59 1.58 18.21
N LYS D 30 -4.78 1.25 17.20
CA LYS D 30 -3.34 1.01 17.45
C LYS D 30 -2.68 2.25 17.91
N SER D 31 -2.77 3.29 17.12
CA SER D 31 -2.31 4.61 17.59
C SER D 31 -2.82 5.00 18.99
N VAL D 32 -4.08 4.72 19.34
CA VAL D 32 -4.57 5.12 20.68
C VAL D 32 -3.94 4.35 21.80
N THR D 33 -3.95 3.01 21.68
CA THR D 33 -3.19 2.11 22.59
C THR D 33 -1.74 2.56 22.76
N GLU D 34 -1.06 3.03 21.71
CA GLU D 34 0.38 3.43 21.85
C GLU D 34 0.67 4.70 22.66
N GLN D 35 -0.33 5.58 22.81
CA GLN D 35 -0.20 6.72 23.75
C GLN D 35 -0.02 6.29 25.21
N GLY D 36 -0.25 5.00 25.52
CA GLY D 36 0.18 4.42 26.81
C GLY D 36 -0.78 4.51 27.96
N ALA D 37 -1.87 5.26 27.81
CA ALA D 37 -2.86 5.39 28.90
C ALA D 37 -3.85 4.23 28.76
N GLU D 38 -4.41 3.81 29.87
CA GLU D 38 -5.30 2.68 29.93
C GLU D 38 -6.60 2.98 29.16
N LEU D 39 -7.16 1.93 28.56
CA LEU D 39 -8.23 2.05 27.61
C LEU D 39 -9.51 1.86 28.31
N SER D 40 -10.51 2.73 28.02
CA SER D 40 -11.79 2.62 28.68
C SER D 40 -12.38 1.42 28.01
N ASN D 41 -13.49 0.97 28.58
CA ASN D 41 -14.27 -0.16 28.07
C ASN D 41 -14.71 0.00 26.64
N GLU D 42 -15.05 1.23 26.23
CA GLU D 42 -15.45 1.50 24.84
C GLU D 42 -14.26 1.29 23.93
N GLU D 43 -13.15 1.98 24.22
CA GLU D 43 -11.94 1.93 23.37
C GLU D 43 -11.31 0.53 23.29
N ARG D 44 -11.41 -0.21 24.38
CA ARG D 44 -10.97 -1.59 24.42
C ARG D 44 -11.79 -2.40 23.46
N ASN D 45 -13.08 -2.14 23.43
CA ASN D 45 -13.98 -2.88 22.52
C ASN D 45 -13.74 -2.52 21.08
N LEU D 46 -13.56 -1.23 20.80
CA LEU D 46 -13.21 -0.82 19.43
C LEU D 46 -11.91 -1.52 18.98
N LEU D 47 -10.97 -1.72 19.88
CA LEU D 47 -9.68 -2.35 19.56
C LEU D 47 -9.92 -3.78 19.13
N SER D 48 -10.70 -4.47 19.95
CA SER D 48 -10.97 -5.89 19.80
C SER D 48 -11.79 -6.16 18.56
N VAL D 49 -12.81 -5.32 18.32
CA VAL D 49 -13.77 -5.53 17.20
C VAL D 49 -13.01 -5.39 15.89
N ALA D 50 -12.10 -4.45 15.88
CA ALA D 50 -11.45 -4.06 14.66
C ALA D 50 -10.32 -5.05 14.35
N TYR D 51 -9.51 -5.41 15.30
CA TYR D 51 -8.58 -6.46 14.98
C TYR D 51 -9.25 -7.81 14.77
N LYS D 52 -10.43 -8.00 15.33
CA LYS D 52 -11.21 -9.24 15.10
C LYS D 52 -11.66 -9.36 13.67
N ASN D 53 -12.24 -8.30 13.14
CA ASN D 53 -12.67 -8.24 11.74
C ASN D 53 -11.53 -8.36 10.77
N VAL D 54 -10.44 -7.64 11.07
CA VAL D 54 -9.23 -7.58 10.22
C VAL D 54 -8.49 -8.92 10.13
N VAL D 55 -8.28 -9.61 11.24
CA VAL D 55 -7.66 -10.94 11.22
C VAL D 55 -8.62 -11.98 10.67
N GLY D 56 -9.90 -11.85 11.06
CA GLY D 56 -10.96 -12.79 10.73
C GLY D 56 -11.25 -12.98 9.28
N ALA D 57 -11.03 -11.93 8.48
CA ALA D 57 -11.11 -12.05 7.03
C ALA D 57 -9.96 -12.85 6.43
N ARG D 58 -8.76 -12.70 7.01
CA ARG D 58 -7.58 -13.44 6.52
C ARG D 58 -7.65 -14.93 6.91
N ARG D 59 -8.07 -15.23 8.13
CA ARG D 59 -8.38 -16.61 8.60
C ARG D 59 -9.40 -17.31 7.77
N SER D 60 -10.55 -16.66 7.62
CA SER D 60 -11.61 -17.16 6.73
C SER D 60 -11.13 -17.52 5.34
N SER D 61 -10.26 -16.66 4.82
CA SER D 61 -9.69 -16.77 3.50
C SER D 61 -8.62 -17.82 3.41
N TRP D 62 -7.88 -17.93 4.50
CA TRP D 62 -6.83 -18.88 4.60
C TRP D 62 -7.48 -20.27 4.48
N ARG D 63 -8.58 -20.50 5.20
CA ARG D 63 -9.29 -21.79 5.17
C ARG D 63 -9.74 -22.17 3.76
N VAL D 64 -10.50 -21.28 3.12
CA VAL D 64 -11.05 -21.49 1.78
C VAL D 64 -9.99 -21.87 0.76
N VAL D 65 -8.85 -21.23 0.85
CA VAL D 65 -7.71 -21.45 -0.04
C VAL D 65 -6.90 -22.69 0.38
N SER D 66 -6.88 -22.99 1.68
CA SER D 66 -6.19 -24.17 2.22
C SER D 66 -6.93 -25.45 1.87
N SER D 67 -8.27 -25.40 1.90
CA SER D 67 -9.09 -26.56 1.54
C SER D 67 -9.00 -26.84 0.06
N ILE D 68 -9.06 -25.79 -0.76
CA ILE D 68 -8.84 -25.90 -2.21
C ILE D 68 -7.43 -26.45 -2.56
N GLU D 69 -6.43 -26.14 -1.76
CA GLU D 69 -5.08 -26.69 -1.94
C GLU D 69 -5.05 -28.22 -1.75
N GLN D 70 -5.73 -28.70 -0.70
CA GLN D 70 -5.76 -30.13 -0.38
C GLN D 70 -6.65 -30.91 -1.35
N LYS D 71 -7.83 -30.37 -1.66
CA LYS D 71 -8.76 -30.97 -2.64
C LYS D 71 -8.21 -31.00 -4.09
N THR D 72 -6.98 -30.53 -4.30
CA THR D 72 -6.27 -30.69 -5.57
C THR D 72 -4.86 -31.29 -5.33
N GLU D 73 -4.87 -32.50 -4.79
CA GLU D 73 -3.66 -33.27 -4.68
C GLU D 73 -3.31 -33.65 -6.13
N GLY D 74 -4.33 -33.92 -6.94
CA GLY D 74 -4.15 -34.20 -8.37
C GLY D 74 -3.44 -33.34 -9.42
N ALA D 75 -3.83 -32.06 -9.52
CA ALA D 75 -3.38 -31.15 -10.59
C ALA D 75 -2.23 -30.40 -9.91
N GLU D 76 -1.02 -30.49 -10.47
CA GLU D 76 0.17 -29.91 -9.83
C GLU D 76 0.23 -28.38 -9.91
N LYS D 77 -0.12 -27.79 -11.06
CA LYS D 77 0.15 -26.36 -11.29
C LYS D 77 -0.88 -25.41 -10.61
N LYS D 78 -2.13 -25.83 -10.56
CA LYS D 78 -3.15 -25.05 -9.91
C LYS D 78 -3.02 -25.19 -8.43
N GLN D 79 -2.34 -26.23 -7.98
CA GLN D 79 -2.16 -26.43 -6.58
C GLN D 79 -1.04 -25.55 -6.06
N GLN D 80 -0.10 -25.23 -6.91
CA GLN D 80 0.99 -24.45 -6.49
C GLN D 80 0.50 -23.06 -6.36
N MET D 81 -0.32 -22.68 -7.32
CA MET D 81 -0.93 -21.34 -7.29
C MET D 81 -1.61 -21.07 -5.94
N ALA D 82 -2.47 -22.00 -5.55
CA ALA D 82 -3.11 -22.02 -4.25
C ALA D 82 -2.13 -22.00 -3.07
N ARG D 83 -1.06 -22.76 -3.18
CA ARG D 83 -0.02 -22.80 -2.14
C ARG D 83 0.60 -21.42 -1.96
N GLU D 84 0.98 -20.79 -3.06
CA GLU D 84 1.61 -19.46 -3.01
C GLU D 84 0.64 -18.40 -2.51
N TYR D 85 -0.60 -18.49 -2.93
CA TYR D 85 -1.66 -17.58 -2.48
C TYR D 85 -1.96 -17.82 -1.02
N ARG D 86 -1.84 -19.07 -0.57
CA ARG D 86 -2.06 -19.33 0.85
C ARG D 86 -0.99 -18.59 1.60
N GLU D 87 0.26 -18.67 1.12
CA GLU D 87 1.39 -18.17 1.88
C GLU D 87 1.34 -16.66 1.97
N LYS D 88 0.95 -15.99 0.89
CA LYS D 88 0.66 -14.53 0.93
C LYS D 88 -0.26 -14.23 2.08
N ILE D 89 -1.39 -14.96 2.13
CA ILE D 89 -2.40 -14.78 3.16
C ILE D 89 -1.87 -14.99 4.58
N GLU D 90 -1.01 -15.98 4.79
CA GLU D 90 -0.44 -16.19 6.14
C GLU D 90 0.44 -15.04 6.59
N THR D 91 1.33 -14.58 5.72
CA THR D 91 2.14 -13.42 6.00
C THR D 91 1.25 -12.21 6.42
N GLU D 92 0.18 -11.88 5.71
CA GLU D 92 -0.70 -10.77 6.19
C GLU D 92 -1.25 -11.09 7.55
N LEU D 93 -1.54 -12.37 7.78
CA LEU D 93 -2.14 -12.82 9.04
C LEU D 93 -1.19 -12.63 10.20
N ARG D 94 0.00 -13.20 10.07
CA ARG D 94 1.13 -13.00 11.00
C ARG D 94 1.45 -11.55 11.33
N ASP D 95 1.43 -10.69 10.34
CA ASP D 95 1.73 -9.23 10.60
C ASP D 95 0.65 -8.62 11.51
N ILE D 96 -0.60 -8.96 11.24
CA ILE D 96 -1.67 -8.52 12.11
C ILE D 96 -1.47 -9.03 13.53
N CYS D 97 -1.36 -10.36 13.69
CA CYS D 97 -1.17 -10.97 15.02
C CYS D 97 0.00 -10.38 15.74
N ASN D 98 1.09 -10.14 15.02
CA ASN D 98 2.25 -9.57 15.64
C ASN D 98 1.98 -8.12 16.19
N ASP D 99 1.20 -7.29 15.48
CA ASP D 99 0.92 -5.90 15.92
C ASP D 99 0.13 -5.96 17.16
N VAL D 100 -0.92 -6.77 17.15
CA VAL D 100 -1.78 -6.91 18.34
C VAL D 100 -1.02 -7.47 19.52
N LEU D 101 -0.36 -8.62 19.34
CA LEU D 101 0.37 -9.23 20.50
C LEU D 101 1.32 -8.25 21.09
N SER D 102 1.98 -7.47 20.27
CA SER D 102 2.87 -6.41 20.77
C SER D 102 2.10 -5.35 21.60
N LEU D 103 0.94 -4.88 21.14
CA LEU D 103 0.17 -3.90 21.95
C LEU D 103 -0.20 -4.55 23.25
N LEU D 104 -0.55 -5.81 23.15
CA LEU D 104 -0.99 -6.53 24.35
C LEU D 104 0.08 -6.64 25.39
N GLU D 105 1.18 -7.28 25.01
CA GLU D 105 2.30 -7.52 25.91
C GLU D 105 3.02 -6.25 26.33
N LYS D 106 3.28 -5.37 25.37
CA LYS D 106 4.01 -4.13 25.71
C LYS D 106 3.14 -3.12 26.42
N PHE D 107 1.98 -2.75 25.89
CA PHE D 107 1.22 -1.56 26.42
C PHE D 107 0.03 -1.96 27.29
N LEU D 108 -0.80 -2.90 26.80
CA LEU D 108 -2.07 -3.17 27.41
C LEU D 108 -2.07 -3.98 28.67
N ILE D 109 -1.41 -5.14 28.63
CA ILE D 109 -1.45 -6.04 29.78
C ILE D 109 -0.77 -5.44 30.99
N PRO D 110 0.46 -4.86 30.84
CA PRO D 110 1.16 -4.35 32.02
C PRO D 110 0.59 -3.09 32.67
N ASN D 111 -0.31 -2.41 31.97
CA ASN D 111 -0.94 -1.20 32.43
C ASN D 111 -2.42 -1.48 32.83
N ALA D 112 -2.83 -2.75 32.81
CA ALA D 112 -4.19 -3.11 33.27
C ALA D 112 -4.22 -3.16 34.78
N SER D 113 -5.09 -2.34 35.38
CA SER D 113 -5.17 -2.13 36.81
C SER D 113 -6.27 -2.92 37.48
N GLN D 114 -7.30 -3.30 36.75
CA GLN D 114 -8.41 -4.09 37.27
C GLN D 114 -8.30 -5.54 36.73
N ALA D 115 -8.81 -6.51 37.49
CA ALA D 115 -8.75 -7.91 37.07
C ALA D 115 -9.64 -8.23 35.86
N GLU D 116 -10.71 -7.45 35.68
CA GLU D 116 -11.60 -7.61 34.54
C GLU D 116 -10.86 -7.38 33.21
N SER D 117 -10.04 -6.34 33.18
CA SER D 117 -9.25 -5.99 32.00
C SER D 117 -8.03 -6.90 31.80
N LYS D 118 -7.35 -7.27 32.86
CA LYS D 118 -6.20 -8.17 32.76
C LYS D 118 -6.59 -9.48 32.13
N VAL D 119 -7.79 -9.95 32.43
CA VAL D 119 -8.32 -11.21 31.84
C VAL D 119 -8.75 -11.00 30.39
N PHE D 120 -9.32 -9.83 30.11
CA PHE D 120 -9.77 -9.54 28.77
C PHE D 120 -8.61 -9.55 27.79
N TYR D 121 -7.50 -8.97 28.22
CA TYR D 121 -6.32 -8.82 27.39
C TYR D 121 -5.49 -10.11 27.28
N LEU D 122 -5.35 -10.84 28.40
CA LEU D 122 -4.73 -12.18 28.41
C LEU D 122 -5.53 -13.16 27.57
N LYS D 123 -6.85 -13.07 27.62
CA LYS D 123 -7.70 -13.89 26.72
C LYS D 123 -7.31 -13.62 25.27
N MET D 124 -7.28 -12.33 24.95
CA MET D 124 -6.91 -11.83 23.60
C MET D 124 -5.49 -12.25 23.17
N LYS D 125 -4.52 -12.08 24.04
CA LYS D 125 -3.20 -12.67 23.92
C LYS D 125 -3.25 -14.15 23.43
N GLY D 126 -4.03 -14.99 24.12
CA GLY D 126 -4.15 -16.39 23.75
C GLY D 126 -4.83 -16.55 22.45
N ASP D 127 -5.83 -15.69 22.20
CA ASP D 127 -6.60 -15.74 20.93
C ASP D 127 -5.65 -15.57 19.78
N TYR D 128 -4.77 -14.56 19.87
CA TYR D 128 -3.93 -14.21 18.71
C TYR D 128 -2.75 -15.15 18.58
N TYR D 129 -2.16 -15.59 19.66
CA TYR D 129 -1.26 -16.73 19.59
C TYR D 129 -1.96 -17.94 18.94
N ARG D 130 -3.25 -18.15 19.26
CA ARG D 130 -3.97 -19.27 18.69
C ARG D 130 -4.09 -19.19 17.19
N TYR D 131 -4.45 -17.99 16.72
CA TYR D 131 -4.52 -17.74 15.29
C TYR D 131 -3.18 -17.99 14.60
N LEU D 132 -2.12 -17.58 15.26
CA LEU D 132 -0.77 -17.85 14.78
C LEU D 132 -0.43 -19.34 14.72
N ALA D 133 -0.93 -20.10 15.68
CA ALA D 133 -0.78 -21.57 15.69
C ALA D 133 -1.58 -22.25 14.62
N GLU D 134 -2.71 -21.68 14.18
CA GLU D 134 -3.50 -22.27 13.06
C GLU D 134 -2.73 -22.32 11.74
N VAL D 135 -1.68 -21.50 11.61
CA VAL D 135 -0.87 -21.37 10.41
C VAL D 135 0.63 -21.62 10.66
N ALA D 136 1.02 -21.94 11.89
CA ALA D 136 2.41 -22.27 12.20
C ALA D 136 2.95 -23.44 11.35
N ALA D 137 4.19 -23.28 10.89
CA ALA D 137 5.01 -24.35 10.31
C ALA D 137 5.62 -25.19 11.43
N GLY D 138 6.13 -26.37 11.07
CA GLY D 138 6.60 -27.39 12.04
C GLY D 138 7.36 -26.90 13.27
N ASP D 139 8.53 -26.30 13.06
CA ASP D 139 9.45 -25.99 14.17
C ASP D 139 9.00 -24.85 15.09
N ASP D 140 8.29 -23.88 14.53
CA ASP D 140 7.78 -22.73 15.31
C ASP D 140 6.46 -23.07 16.01
N LYS D 141 5.76 -24.15 15.57
CA LYS D 141 4.42 -24.45 16.10
C LYS D 141 4.39 -24.70 17.57
N LYS D 142 5.19 -25.64 18.04
CA LYS D 142 5.20 -25.96 19.48
C LYS D 142 5.22 -24.71 20.37
N GLY D 143 6.20 -23.84 20.20
CA GLY D 143 6.38 -22.67 21.09
C GLY D 143 5.24 -21.65 21.04
N ILE D 144 4.62 -21.52 19.88
CA ILE D 144 3.45 -20.66 19.69
C ILE D 144 2.24 -21.18 20.43
N VAL D 145 2.00 -22.49 20.30
CA VAL D 145 0.94 -23.19 21.06
C VAL D 145 1.09 -22.97 22.55
N ASP D 146 2.34 -23.02 23.04
CA ASP D 146 2.60 -22.83 24.46
C ASP D 146 2.29 -21.41 24.91
N GLN D 147 2.54 -20.45 24.02
CA GLN D 147 2.29 -19.04 24.33
C GLN D 147 0.79 -18.78 24.36
N SER D 148 0.05 -19.50 23.51
CA SER D 148 -1.40 -19.35 23.45
C SER D 148 -2.05 -19.98 24.67
N GLN D 149 -1.62 -21.19 25.00
CA GLN D 149 -2.15 -21.90 26.16
C GLN D 149 -1.81 -21.16 27.45
N GLN D 150 -0.60 -20.62 27.51
CA GLN D 150 -0.16 -19.87 28.68
C GLN D 150 -1.04 -18.65 28.88
N ALA D 151 -1.34 -17.95 27.80
CA ALA D 151 -2.19 -16.77 27.85
C ALA D 151 -3.52 -17.10 28.51
N TYR D 152 -4.18 -18.13 28.00
CA TYR D 152 -5.47 -18.56 28.54
C TYR D 152 -5.32 -18.92 30.02
N GLN D 153 -4.43 -19.85 30.31
CA GLN D 153 -4.18 -20.29 31.70
C GLN D 153 -4.08 -19.16 32.70
N GLU D 154 -3.21 -18.22 32.46
CA GLU D 154 -3.03 -17.09 33.40
C GLU D 154 -4.30 -16.23 33.45
N ALA D 155 -5.06 -16.17 32.38
CA ALA D 155 -6.35 -15.49 32.33
C ALA D 155 -7.38 -16.28 33.09
N PHE D 156 -7.30 -17.60 32.94
CA PHE D 156 -8.30 -18.52 33.48
C PHE D 156 -8.30 -18.45 34.97
N GLU D 157 -7.09 -18.47 35.54
CA GLU D 157 -6.89 -18.50 36.98
C GLU D 157 -7.27 -17.18 37.64
N ILE D 158 -6.99 -16.08 36.97
CA ILE D 158 -7.34 -14.77 37.55
C ILE D 158 -8.85 -14.64 37.61
N SER D 159 -9.54 -15.17 36.61
CA SER D 159 -11.02 -15.10 36.55
C SER D 159 -11.70 -15.98 37.60
N LYS D 160 -11.19 -17.20 37.76
CA LYS D 160 -11.64 -18.11 38.83
C LYS D 160 -11.51 -17.48 40.23
N LYS D 161 -10.45 -16.72 40.49
CA LYS D 161 -10.28 -16.08 41.80
C LYS D 161 -11.06 -14.74 41.92
N GLU D 162 -11.16 -13.97 40.84
CA GLU D 162 -11.63 -12.57 40.91
C GLU D 162 -12.99 -12.25 40.26
N MET D 163 -13.57 -13.19 39.53
CA MET D 163 -14.81 -12.91 38.79
C MET D 163 -15.93 -13.94 39.02
N GLN D 164 -17.17 -13.49 38.85
CA GLN D 164 -18.35 -14.34 38.92
C GLN D 164 -18.31 -15.33 37.73
N PRO D 165 -18.79 -16.57 37.92
CA PRO D 165 -18.79 -17.51 36.79
C PRO D 165 -19.79 -17.21 35.70
N THR D 166 -20.69 -16.26 35.97
CA THR D 166 -21.69 -15.77 35.01
C THR D 166 -21.20 -14.58 34.20
N HIS D 167 -20.04 -14.04 34.55
CA HIS D 167 -19.46 -12.88 33.89
C HIS D 167 -19.08 -13.23 32.46
N PRO D 168 -19.51 -12.39 31.49
CA PRO D 168 -19.34 -12.72 30.08
C PRO D 168 -17.89 -12.96 29.67
N ILE D 169 -16.99 -12.15 30.19
CA ILE D 169 -15.57 -12.24 29.90
C ILE D 169 -14.98 -13.54 30.44
N ARG D 170 -15.34 -13.92 31.66
CA ARG D 170 -14.96 -15.24 32.18
C ARG D 170 -15.50 -16.37 31.32
N LEU D 171 -16.74 -16.20 30.86
CA LEU D 171 -17.35 -17.20 30.01
C LEU D 171 -16.77 -17.22 28.58
N GLY D 172 -16.40 -16.05 28.07
CA GLY D 172 -15.74 -15.96 26.75
C GLY D 172 -14.36 -16.58 26.80
N LEU D 173 -13.69 -16.35 27.91
CA LEU D 173 -12.42 -16.98 28.15
C LEU D 173 -12.51 -18.51 28.20
N ALA D 174 -13.52 -19.01 28.89
CA ALA D 174 -13.79 -20.43 29.04
C ALA D 174 -14.07 -21.09 27.71
N LEU D 175 -14.84 -20.38 26.89
CA LEU D 175 -15.20 -20.86 25.57
C LEU D 175 -14.02 -20.92 24.64
N ASN D 176 -13.32 -19.81 24.52
CA ASN D 176 -12.14 -19.73 23.66
C ASN D 176 -11.02 -20.70 24.13
N PHE D 177 -10.84 -20.81 25.44
CA PHE D 177 -9.89 -21.75 25.99
C PHE D 177 -10.22 -23.23 25.65
N SER D 178 -11.50 -23.58 25.67
CA SER D 178 -11.93 -24.93 25.30
C SER D 178 -11.71 -25.21 23.83
N VAL D 179 -12.02 -24.20 23.01
CA VAL D 179 -11.78 -24.27 21.56
C VAL D 179 -10.31 -24.41 21.22
N PHE D 180 -9.45 -23.80 22.05
CA PHE D 180 -7.99 -23.96 21.91
C PHE D 180 -7.68 -25.45 22.06
N TYR D 181 -8.05 -26.03 23.20
CA TYR D 181 -7.85 -27.46 23.49
C TYR D 181 -8.40 -28.36 22.37
N TYR D 182 -9.58 -28.04 21.86
CA TYR D 182 -10.23 -28.87 20.85
C TYR D 182 -9.59 -28.76 19.47
N GLU D 183 -9.37 -27.53 18.99
CA GLU D 183 -8.88 -27.27 17.61
C GLU D 183 -7.36 -27.29 17.47
N ILE D 184 -6.64 -26.99 18.54
CA ILE D 184 -5.19 -26.81 18.45
C ILE D 184 -4.45 -28.00 19.02
N LEU D 185 -4.74 -28.31 20.29
CA LEU D 185 -4.17 -29.48 20.98
C LEU D 185 -4.85 -30.82 20.59
N ASN D 186 -5.96 -30.79 19.83
CA ASN D 186 -6.77 -32.00 19.54
C ASN D 186 -7.04 -32.86 20.77
N SER D 187 -7.56 -32.21 21.81
CA SER D 187 -7.87 -32.84 23.10
C SER D 187 -9.34 -32.60 23.45
N PRO D 188 -10.25 -33.45 22.91
CA PRO D 188 -11.71 -33.23 23.13
C PRO D 188 -12.22 -33.41 24.56
N GLU D 189 -11.54 -34.23 25.38
CA GLU D 189 -12.01 -34.51 26.76
C GLU D 189 -11.76 -33.34 27.69
N LYS D 190 -10.58 -32.72 27.53
CA LYS D 190 -10.26 -31.47 28.24
C LYS D 190 -11.17 -30.33 27.72
N ALA D 191 -11.44 -30.33 26.42
CA ALA D 191 -12.29 -29.33 25.82
C ALA D 191 -13.68 -29.31 26.44
N CYS D 192 -14.38 -30.45 26.33
CA CYS D 192 -15.74 -30.59 26.79
C CYS D 192 -15.86 -30.34 28.28
N SER D 193 -14.95 -30.94 29.02
CA SER D 193 -14.93 -30.76 30.46
C SER D 193 -14.81 -29.30 30.88
N LEU D 194 -14.02 -28.51 30.14
CA LEU D 194 -13.75 -27.10 30.51
C LEU D 194 -15.02 -26.33 30.23
N ALA D 195 -15.58 -26.56 29.04
CA ALA D 195 -16.85 -25.99 28.62
C ALA D 195 -17.99 -26.30 29.60
N LYS D 196 -18.20 -27.58 29.90
CA LYS D 196 -19.31 -28.01 30.76
C LYS D 196 -19.16 -27.41 32.17
N THR D 197 -18.00 -27.61 32.78
CA THR D 197 -17.69 -27.05 34.08
C THR D 197 -18.02 -25.55 34.15
N ALA D 198 -17.61 -24.80 33.14
CA ALA D 198 -17.83 -23.35 33.11
C ALA D 198 -19.29 -23.02 32.77
N PHE D 199 -19.93 -23.84 31.94
CA PHE D 199 -21.36 -23.76 31.69
C PHE D 199 -22.15 -23.98 33.00
N ASP D 200 -22.02 -25.18 33.58
CA ASP D 200 -22.73 -25.61 34.79
C ASP D 200 -22.64 -24.62 35.94
N GLU D 201 -21.45 -24.05 36.15
CA GLU D 201 -21.26 -23.09 37.23
C GLU D 201 -21.96 -21.78 36.98
N ALA D 202 -22.13 -21.41 35.71
CA ALA D 202 -22.87 -20.21 35.36
C ALA D 202 -24.34 -20.40 35.67
N ILE D 203 -24.95 -21.47 35.15
CA ILE D 203 -26.41 -21.72 35.39
C ILE D 203 -26.71 -21.72 36.90
N ALA D 204 -25.84 -22.35 37.68
CA ALA D 204 -25.97 -22.36 39.13
C ALA D 204 -25.99 -20.99 39.83
N GLU D 205 -25.73 -19.88 39.12
CA GLU D 205 -25.94 -18.53 39.65
C GLU D 205 -26.70 -17.66 38.66
N LEU D 206 -27.54 -18.29 37.83
CA LEU D 206 -28.28 -17.59 36.79
C LEU D 206 -29.34 -16.67 37.41
N ASP D 207 -29.78 -17.01 38.61
CA ASP D 207 -30.64 -16.12 39.42
C ASP D 207 -30.03 -14.70 39.51
N THR D 208 -28.84 -14.60 40.10
CA THR D 208 -28.22 -13.29 40.40
C THR D 208 -27.44 -12.79 39.18
N LEU D 209 -28.18 -12.46 38.11
CA LEU D 209 -27.61 -12.08 36.83
C LEU D 209 -28.04 -10.63 36.48
N SER D 210 -27.06 -9.81 36.13
CA SER D 210 -27.24 -8.36 35.98
C SER D 210 -27.88 -7.94 34.65
N GLU D 211 -28.65 -6.84 34.69
CA GLU D 211 -29.27 -6.23 33.50
C GLU D 211 -28.26 -6.15 32.35
N GLU D 212 -27.18 -5.43 32.63
CA GLU D 212 -26.20 -4.99 31.64
C GLU D 212 -25.33 -6.14 31.13
N SER D 213 -25.38 -7.29 31.81
CA SER D 213 -24.45 -8.39 31.59
C SER D 213 -25.21 -9.72 31.45
N TYR D 214 -26.36 -9.66 30.79
CA TYR D 214 -27.33 -10.76 30.72
C TYR D 214 -27.38 -11.33 29.30
N LYS D 215 -27.65 -10.45 28.33
CA LYS D 215 -27.61 -10.80 26.90
C LYS D 215 -26.29 -11.43 26.51
N ASP D 216 -25.21 -10.84 27.03
CA ASP D 216 -23.86 -11.25 26.69
C ASP D 216 -23.50 -12.60 27.31
N SER D 217 -23.87 -12.81 28.58
CA SER D 217 -23.61 -14.09 29.27
C SER D 217 -24.40 -15.26 28.67
N THR D 218 -25.67 -15.02 28.41
CA THR D 218 -26.56 -16.03 27.87
C THR D 218 -26.04 -16.51 26.51
N LEU D 219 -25.75 -15.55 25.62
CA LEU D 219 -25.23 -15.81 24.29
C LEU D 219 -24.02 -16.76 24.33
N ILE D 220 -23.13 -16.55 25.30
CA ILE D 220 -21.92 -17.33 25.39
C ILE D 220 -22.22 -18.73 25.91
N MET D 221 -23.12 -18.79 26.90
CA MET D 221 -23.69 -20.03 27.39
C MET D 221 -24.30 -20.85 26.28
N GLN D 222 -25.07 -20.21 25.40
CA GLN D 222 -25.59 -20.89 24.20
C GLN D 222 -24.44 -21.49 23.39
N LEU D 223 -23.43 -20.67 23.08
CA LEU D 223 -22.28 -21.09 22.24
C LEU D 223 -21.52 -22.25 22.87
N LEU D 224 -21.26 -22.10 24.17
CA LEU D 224 -20.71 -23.16 24.99
C LEU D 224 -21.48 -24.47 24.82
N ARG D 225 -22.82 -24.37 24.88
CA ARG D 225 -23.70 -25.51 24.66
C ARG D 225 -23.62 -26.10 23.24
N ASP D 226 -23.84 -25.27 22.19
CA ASP D 226 -23.73 -25.72 20.78
C ASP D 226 -22.42 -26.45 20.50
N ASN D 227 -21.35 -25.97 21.13
CA ASN D 227 -20.02 -26.52 20.98
C ASN D 227 -19.99 -27.92 21.54
N LEU D 228 -20.35 -28.03 22.82
CA LEU D 228 -20.45 -29.32 23.53
C LEU D 228 -21.23 -30.37 22.75
N THR D 229 -22.40 -29.95 22.27
CA THR D 229 -23.24 -30.74 21.38
C THR D 229 -22.45 -31.25 20.14
N LEU D 230 -21.86 -30.33 19.40
CA LEU D 230 -21.08 -30.66 18.20
C LEU D 230 -19.91 -31.62 18.50
N TRP D 231 -19.23 -31.39 19.63
CA TRP D 231 -18.02 -32.11 19.97
C TRP D 231 -18.28 -33.55 20.43
N THR D 232 -19.37 -33.77 21.16
CA THR D 232 -19.85 -35.13 21.46
C THR D 232 -20.68 -35.65 20.28
N SER D 233 -20.05 -36.35 19.35
CA SER D 233 -20.69 -36.81 18.11
C SER D 233 -19.74 -37.69 17.30
N ARG E 1 -16.82 -26.05 11.88
CA ARG E 1 -15.77 -25.71 12.87
C ARG E 1 -16.37 -25.11 14.14
N SER E 2 -15.53 -24.92 15.16
CA SER E 2 -15.97 -24.46 16.46
C SER E 2 -16.40 -22.98 16.46
N LEU E 3 -16.94 -22.54 17.60
CA LEU E 3 -17.44 -21.19 17.76
C LEU E 3 -16.72 -20.55 18.95
N ALA E 5 -15.60 -16.68 20.98
CA ALA E 5 -16.33 -15.54 21.45
C ALA E 5 -16.16 -14.42 20.39
N PRO E 6 -17.14 -13.51 20.27
CA PRO E 6 -17.04 -12.24 19.49
C PRO E 6 -16.54 -11.02 20.30
N GLY E 7 -16.56 -9.82 19.70
CA GLY E 7 -16.16 -8.55 20.37
C GLY E 7 -17.26 -7.88 21.20
N LYS F 1 -33.35 3.85 -6.40
CA LYS F 1 -32.56 3.49 -5.26
C LYS F 1 -32.06 2.06 -5.36
N LEU F 2 -32.53 1.29 -6.32
CA LEU F 2 -32.11 -0.08 -6.45
C LEU F 2 -31.79 -0.57 -7.88
N LEU F 4 -29.39 -3.15 -10.89
CA LEU F 4 -29.08 -4.59 -11.09
C LEU F 4 -27.86 -5.10 -10.30
N GLN F 5 -27.88 -6.41 -10.04
CA GLN F 5 -26.65 -7.18 -9.70
C GLN F 5 -25.68 -7.22 -10.88
N LYS G 1 20.52 26.04 9.37
CA LYS G 1 20.44 25.18 8.21
C LYS G 1 21.10 23.77 8.24
N LEU G 2 22.04 23.50 9.10
CA LEU G 2 22.73 22.17 8.97
C LEU G 2 22.67 21.32 10.21
N LEU G 4 22.76 17.34 12.23
CA LEU G 4 23.80 16.29 12.28
C LEU G 4 23.76 15.32 11.09
N GLN G 5 24.88 14.86 10.55
CA GLN G 5 24.75 13.74 9.61
C GLN G 5 24.77 12.39 10.36
N ARG H 1 28.74 -4.74 -15.09
CA ARG H 1 28.01 -5.14 -16.33
C ARG H 1 28.29 -4.19 -17.52
N SER H 2 27.60 -4.42 -18.63
CA SER H 2 27.61 -3.49 -19.78
C SER H 2 26.84 -2.22 -19.44
N LEU H 3 26.93 -1.21 -20.27
CA LEU H 3 26.23 0.08 -19.99
C LEU H 3 25.08 0.20 -20.94
N ALA H 5 21.49 2.77 -22.42
CA ALA H 5 21.24 4.17 -22.80
C ALA H 5 20.66 4.87 -21.54
N PRO H 6 20.96 6.14 -21.34
CA PRO H 6 20.28 6.90 -20.27
C PRO H 6 19.02 7.70 -20.71
N GLY H 7 18.02 7.83 -19.84
CA GLY H 7 16.80 8.63 -20.14
C GLY H 7 17.01 10.15 -20.30
#